data_4H25
#
_entry.id   4H25
#
_cell.length_a   154.520
_cell.length_b   97.180
_cell.length_c   67.100
_cell.angle_alpha   90.00
_cell.angle_beta   105.36
_cell.angle_gamma   90.00
#
_symmetry.space_group_name_H-M   'C 1 2 1'
#
loop_
_entity.id
_entity.type
_entity.pdbx_description
1 polymer 'HLA class II histocompatibility antigen, DR alpha chain'
2 polymer 'MHC class II antigen'
3 polymer peptide
4 branched 2-acetamido-2-deoxy-beta-D-glucopyranose-(1-4)-2-acetamido-2-deoxy-beta-D-glucopyranose
5 non-polymer 'ISOPROPYL ALCOHOL'
6 water water
#
loop_
_entity_poly.entity_id
_entity_poly.type
_entity_poly.pdbx_seq_one_letter_code
_entity_poly.pdbx_strand_id
1 'polypeptide(L)'
;EEHVIIQAEFYLNPDQSGEFMFDFDGDEIFHVDMAKKETVWRLEEFGRFASFEAQGALANIAVDKANLEIMTKRSNYTPI
TNVPPEVTVLTNSPVELREPNVLICFIDKFTPPVVNVTWLRNGKPVTTGVSETVFLPREDHLFRKFHYLPFLPSTEDVYD
CRVEHWGLDEPLLKHWEFDA
;
A,D
2 'polypeptide(L)'
;TRPRFLELLKSECHFFNGTERVRFLERYFHNQEEFVRFDSDVGEYRAVTELGRPVAESWNSQKDLLEQKRGQVDTYCRHN
YGVVESFTVQRRVHPQVTVYPAKTQPLQHHNLLVCSVSGFYPGSIEVRWFRNGQEEKTGVVSTGLIHNGDWTFQTLVMLE
TVPRSGEVYTCQVEHPSVTSPLTVEWRA
;
B,E
3 'polypeptide(L)' QHIRCNIPKRIGPSKVATLVPR C,F
#
# COMPACT_ATOMS: atom_id res chain seq x y z
N GLU A 1 -17.58 -11.13 -24.16
CA GLU A 1 -16.23 -11.52 -24.68
C GLU A 1 -15.15 -11.25 -23.66
N GLU A 2 -14.35 -12.28 -23.37
CA GLU A 2 -13.26 -12.18 -22.42
C GLU A 2 -12.04 -11.51 -23.03
N HIS A 3 -11.82 -11.74 -24.33
CA HIS A 3 -10.68 -11.17 -25.03
C HIS A 3 -10.91 -11.04 -26.52
N VAL A 4 -10.25 -10.06 -27.14
CA VAL A 4 -10.37 -9.82 -28.55
C VAL A 4 -9.02 -9.48 -29.17
N ILE A 5 -8.71 -10.11 -30.30
CA ILE A 5 -7.48 -9.88 -31.03
C ILE A 5 -7.91 -9.36 -32.38
N ILE A 6 -7.39 -8.20 -32.76
CA ILE A 6 -7.75 -7.62 -34.05
C ILE A 6 -6.51 -7.36 -34.91
N GLN A 7 -6.58 -7.83 -36.15
CA GLN A 7 -5.52 -7.63 -37.12
C GLN A 7 -6.08 -6.46 -37.91
N ALA A 8 -5.42 -5.30 -37.83
CA ALA A 8 -5.93 -4.13 -38.55
C ALA A 8 -4.92 -3.57 -39.53
N GLU A 9 -5.39 -3.34 -40.74
CA GLU A 9 -4.55 -2.82 -41.79
C GLU A 9 -5.35 -1.81 -42.60
N PHE A 10 -4.66 -0.87 -43.23
CA PHE A 10 -5.33 0.10 -44.06
C PHE A 10 -4.39 0.69 -45.07
N TYR A 11 -4.97 1.28 -46.11
CA TYR A 11 -4.22 1.94 -47.16
C TYR A 11 -4.95 3.21 -47.49
N LEU A 12 -4.20 4.27 -47.72
CA LEU A 12 -4.79 5.56 -48.03
C LEU A 12 -4.18 6.24 -49.26
N ASN A 13 -5.04 6.84 -50.08
CA ASN A 13 -4.62 7.57 -51.29
C ASN A 13 -5.17 8.98 -51.17
N PRO A 14 -4.50 9.99 -51.78
CA PRO A 14 -3.29 9.89 -52.59
C PRO A 14 -1.98 9.82 -51.78
N ASP A 15 -2.10 9.83 -50.46
CA ASP A 15 -0.93 9.78 -49.58
C ASP A 15 -0.08 8.54 -49.80
N GLN A 16 -0.71 7.48 -50.30
CA GLN A 16 -0.02 6.22 -50.53
C GLN A 16 0.62 5.69 -49.25
N SER A 17 -0.08 5.83 -48.13
CA SER A 17 0.43 5.32 -46.85
C SER A 17 -0.42 4.15 -46.38
N GLY A 18 0.23 3.16 -45.79
CA GLY A 18 -0.47 1.99 -45.30
C GLY A 18 0.14 1.43 -44.01
N GLU A 19 -0.68 0.84 -43.15
CA GLU A 19 -0.17 0.27 -41.91
C GLU A 19 -0.78 -1.10 -41.63
N PHE A 20 -0.05 -1.92 -40.88
CA PHE A 20 -0.49 -3.26 -40.52
C PHE A 20 -0.10 -3.47 -39.06
N MET A 21 -1.08 -3.84 -38.24
CA MET A 21 -0.80 -4.08 -36.82
C MET A 21 -1.80 -5.03 -36.19
N PHE A 22 -1.39 -5.61 -35.07
CA PHE A 22 -2.22 -6.53 -34.31
C PHE A 22 -2.51 -5.84 -32.97
N ASP A 23 -3.78 -5.86 -32.59
CA ASP A 23 -4.26 -5.25 -31.36
C ASP A 23 -4.85 -6.35 -30.45
N PHE A 24 -4.59 -6.22 -29.15
CA PHE A 24 -5.10 -7.17 -28.17
C PHE A 24 -5.79 -6.34 -27.09
N ASP A 25 -7.10 -6.51 -26.95
CA ASP A 25 -7.86 -5.77 -25.95
C ASP A 25 -7.48 -4.26 -25.92
N GLY A 26 -7.34 -3.64 -27.09
CA GLY A 26 -7.02 -2.21 -27.15
C GLY A 26 -5.55 -1.81 -27.19
N ASP A 27 -4.66 -2.77 -26.92
CA ASP A 27 -3.23 -2.49 -26.96
C ASP A 27 -2.60 -3.08 -28.19
N GLU A 28 -1.45 -2.56 -28.57
CA GLU A 28 -0.76 -3.05 -29.74
C GLU A 28 0.25 -4.13 -29.39
N ILE A 29 0.23 -5.24 -30.11
CA ILE A 29 1.20 -6.31 -29.88
C ILE A 29 2.42 -6.01 -30.75
N PHE A 30 2.19 -5.58 -31.98
CA PHE A 30 3.26 -5.23 -32.91
C PHE A 30 2.69 -4.60 -34.15
N HIS A 31 3.58 -4.04 -34.97
CA HIS A 31 3.18 -3.49 -36.25
C HIS A 31 4.30 -3.80 -37.22
N VAL A 32 4.06 -3.65 -38.51
CA VAL A 32 5.10 -3.95 -39.46
C VAL A 32 5.61 -2.65 -40.08
N ASP A 33 6.92 -2.52 -40.14
CA ASP A 33 7.53 -1.34 -40.75
C ASP A 33 7.66 -1.73 -42.21
N MET A 34 6.79 -1.17 -43.05
CA MET A 34 6.78 -1.48 -44.47
C MET A 34 8.16 -1.35 -45.13
N ALA A 35 8.71 -0.15 -45.10
CA ALA A 35 10.01 0.15 -45.69
C ALA A 35 11.13 -0.81 -45.31
N LYS A 36 11.13 -1.27 -44.06
CA LYS A 36 12.18 -2.17 -43.60
C LYS A 36 11.78 -3.63 -43.62
N LYS A 37 10.50 -3.91 -43.81
CA LYS A 37 9.98 -5.28 -43.78
C LYS A 37 10.36 -5.92 -42.46
N GLU A 38 10.18 -5.18 -41.37
CA GLU A 38 10.51 -5.70 -40.05
C GLU A 38 9.34 -5.64 -39.10
N THR A 39 9.27 -6.62 -38.22
CA THR A 39 8.22 -6.72 -37.23
C THR A 39 8.64 -5.88 -36.02
N VAL A 40 7.83 -4.87 -35.67
CA VAL A 40 8.15 -4.02 -34.54
C VAL A 40 7.20 -4.30 -33.38
N TRP A 41 7.69 -4.98 -32.35
CA TRP A 41 6.86 -5.29 -31.19
C TRP A 41 6.67 -4.03 -30.35
N ARG A 42 5.51 -3.87 -29.72
CA ARG A 42 5.24 -2.69 -28.91
C ARG A 42 6.11 -2.73 -27.66
N LEU A 43 6.31 -3.93 -27.11
CA LEU A 43 7.16 -4.11 -25.95
C LEU A 43 8.30 -5.03 -26.35
N GLU A 44 9.53 -4.55 -26.18
CA GLU A 44 10.75 -5.29 -26.53
C GLU A 44 10.66 -6.77 -26.19
N GLU A 45 10.32 -7.07 -24.95
CA GLU A 45 10.24 -8.45 -24.50
C GLU A 45 9.36 -9.38 -25.35
N PHE A 46 8.38 -8.83 -26.07
CA PHE A 46 7.51 -9.67 -26.89
C PHE A 46 8.25 -10.47 -27.96
N GLY A 47 9.27 -9.86 -28.56
CA GLY A 47 10.02 -10.54 -29.60
C GLY A 47 10.74 -11.81 -29.14
N ARG A 48 10.67 -12.11 -27.85
CA ARG A 48 11.32 -13.30 -27.33
C ARG A 48 10.27 -14.35 -27.02
N PHE A 49 9.01 -13.94 -27.08
CA PHE A 49 7.90 -14.83 -26.79
C PHE A 49 7.20 -15.32 -28.06
N ALA A 50 7.33 -14.56 -29.14
CA ALA A 50 6.68 -14.92 -30.40
C ALA A 50 7.44 -14.35 -31.60
N SER A 51 6.93 -14.63 -32.79
CA SER A 51 7.54 -14.14 -34.03
C SER A 51 6.45 -14.01 -35.08
N PHE A 52 6.68 -13.15 -36.08
CA PHE A 52 5.75 -12.94 -37.17
C PHE A 52 6.53 -12.64 -38.45
N GLU A 53 6.13 -13.28 -39.55
CA GLU A 53 6.81 -13.03 -40.82
C GLU A 53 6.26 -11.73 -41.40
N ALA A 54 7.07 -10.67 -41.32
CA ALA A 54 6.67 -9.36 -41.81
C ALA A 54 6.29 -9.38 -43.28
N GLN A 55 6.92 -10.27 -44.05
CA GLN A 55 6.67 -10.39 -45.47
C GLN A 55 5.18 -10.58 -45.78
N GLY A 56 4.48 -11.27 -44.88
CA GLY A 56 3.05 -11.48 -45.07
C GLY A 56 2.23 -10.19 -45.06
N ALA A 57 2.62 -9.24 -44.22
CA ALA A 57 1.91 -7.96 -44.14
C ALA A 57 2.01 -7.18 -45.46
N LEU A 58 3.17 -7.25 -46.10
CA LEU A 58 3.38 -6.56 -47.38
C LEU A 58 2.44 -7.15 -48.41
N ALA A 59 2.28 -8.47 -48.37
CA ALA A 59 1.39 -9.12 -49.31
C ALA A 59 -0.03 -8.63 -49.05
N ASN A 60 -0.41 -8.51 -47.77
CA ASN A 60 -1.75 -8.05 -47.39
C ASN A 60 -2.03 -6.62 -47.87
N ILE A 61 -1.08 -5.72 -47.64
CA ILE A 61 -1.22 -4.33 -48.05
C ILE A 61 -1.43 -4.23 -49.57
N ALA A 62 -0.71 -5.07 -50.33
CA ALA A 62 -0.85 -5.09 -51.78
C ALA A 62 -2.31 -5.34 -52.16
N VAL A 63 -2.95 -6.29 -51.46
CA VAL A 63 -4.35 -6.62 -51.70
C VAL A 63 -5.28 -5.49 -51.27
N ASP A 64 -5.00 -4.89 -50.12
CA ASP A 64 -5.85 -3.80 -49.64
C ASP A 64 -5.82 -2.60 -50.61
N LYS A 65 -4.65 -2.30 -51.17
CA LYS A 65 -4.50 -1.20 -52.12
C LYS A 65 -5.27 -1.51 -53.39
N ALA A 66 -5.15 -2.76 -53.85
CA ALA A 66 -5.88 -3.18 -55.05
C ALA A 66 -7.39 -3.05 -54.80
N ASN A 67 -7.84 -3.36 -53.57
CA ASN A 67 -9.27 -3.26 -53.27
C ASN A 67 -9.73 -1.80 -53.20
N LEU A 68 -8.84 -0.93 -52.75
CA LEU A 68 -9.13 0.49 -52.65
C LEU A 68 -9.29 1.04 -54.06
N GLU A 69 -8.42 0.63 -54.98
CA GLU A 69 -8.51 1.12 -56.36
C GLU A 69 -9.90 0.80 -56.92
N ILE A 70 -10.34 -0.44 -56.75
CA ILE A 70 -11.63 -0.85 -57.27
C ILE A 70 -12.81 -0.21 -56.56
N MET A 71 -12.79 -0.17 -55.22
CA MET A 71 -13.90 0.42 -54.49
C MET A 71 -13.98 1.93 -54.65
N THR A 72 -12.88 2.58 -54.98
CA THR A 72 -12.91 4.02 -55.15
C THR A 72 -13.68 4.29 -56.45
N LYS A 73 -13.50 3.39 -57.41
CA LYS A 73 -14.17 3.50 -58.70
C LYS A 73 -15.67 3.17 -58.59
N ARG A 74 -15.99 2.06 -57.93
CA ARG A 74 -17.38 1.63 -57.79
C ARG A 74 -18.22 2.52 -56.89
N SER A 75 -17.55 3.30 -56.04
CA SER A 75 -18.26 4.19 -55.15
C SER A 75 -18.39 5.59 -55.77
N ASN A 76 -18.09 5.67 -57.06
CA ASN A 76 -18.18 6.93 -57.82
C ASN A 76 -17.25 8.04 -57.31
N TYR A 77 -16.13 7.64 -56.70
CA TYR A 77 -15.14 8.57 -56.17
C TYR A 77 -15.61 9.50 -55.04
N THR A 78 -16.51 9.04 -54.17
CA THR A 78 -16.94 9.89 -53.07
C THR A 78 -15.85 9.89 -52.00
N PRO A 79 -15.29 11.07 -51.71
CA PRO A 79 -14.22 11.23 -50.71
C PRO A 79 -14.63 10.94 -49.28
N ILE A 80 -13.65 10.58 -48.45
CA ILE A 80 -13.94 10.30 -47.05
C ILE A 80 -14.22 11.61 -46.36
N THR A 81 -15.12 11.57 -45.37
CA THR A 81 -15.46 12.77 -44.63
C THR A 81 -14.51 12.91 -43.45
N ASN A 82 -13.88 14.08 -43.34
CA ASN A 82 -12.95 14.33 -42.27
C ASN A 82 -13.65 14.39 -40.93
N VAL A 83 -13.06 13.74 -39.93
CA VAL A 83 -13.59 13.74 -38.58
C VAL A 83 -12.46 14.21 -37.68
N PRO A 84 -12.61 15.42 -37.11
CA PRO A 84 -11.63 16.03 -36.20
C PRO A 84 -11.35 15.23 -34.94
N PRO A 85 -10.09 15.20 -34.50
CA PRO A 85 -9.64 14.48 -33.30
C PRO A 85 -9.93 15.18 -31.99
N GLU A 86 -9.91 14.40 -30.93
CA GLU A 86 -10.12 14.88 -29.57
C GLU A 86 -8.75 14.66 -28.93
N VAL A 87 -8.13 15.72 -28.41
CA VAL A 87 -6.81 15.58 -27.81
C VAL A 87 -6.76 15.71 -26.29
N THR A 88 -6.02 14.82 -25.66
CA THR A 88 -5.87 14.82 -24.23
C THR A 88 -4.38 14.73 -23.89
N VAL A 89 -3.94 15.53 -22.92
CA VAL A 89 -2.55 15.50 -22.50
C VAL A 89 -2.56 15.24 -21.00
N LEU A 90 -1.80 14.23 -20.57
CA LEU A 90 -1.72 13.86 -19.16
C LEU A 90 -0.33 13.26 -18.93
N THR A 91 0.02 13.07 -17.66
CA THR A 91 1.32 12.49 -17.32
C THR A 91 1.19 11.01 -17.01
N ASN A 92 2.28 10.28 -17.16
CA ASN A 92 2.31 8.85 -16.91
C ASN A 92 1.96 8.52 -15.46
N SER A 93 2.17 9.48 -14.56
CA SER A 93 1.89 9.31 -13.14
C SER A 93 1.93 10.66 -12.42
N PRO A 94 1.55 10.71 -11.13
CA PRO A 94 1.57 11.97 -10.39
C PRO A 94 2.91 12.68 -10.53
N VAL A 95 2.85 13.99 -10.76
CA VAL A 95 4.09 14.74 -10.95
C VAL A 95 4.77 15.23 -9.68
N GLU A 96 6.09 15.12 -9.66
CA GLU A 96 6.90 15.57 -8.55
C GLU A 96 8.15 16.28 -9.09
N LEU A 97 8.47 17.42 -8.50
CA LEU A 97 9.61 18.20 -8.91
C LEU A 97 10.89 17.37 -8.97
N ARG A 98 11.64 17.54 -10.05
CA ARG A 98 12.90 16.85 -10.25
C ARG A 98 12.82 15.32 -10.30
N GLU A 99 11.62 14.79 -10.52
CA GLU A 99 11.46 13.35 -10.60
C GLU A 99 10.96 12.98 -11.99
N PRO A 100 11.79 12.28 -12.78
CA PRO A 100 11.48 11.85 -14.14
C PRO A 100 10.07 11.33 -14.33
N ASN A 101 9.36 11.94 -15.27
CA ASN A 101 8.01 11.53 -15.61
C ASN A 101 7.85 11.51 -17.12
N VAL A 102 6.63 11.28 -17.58
CA VAL A 102 6.37 11.26 -19.02
C VAL A 102 5.05 11.91 -19.37
N LEU A 103 5.09 12.78 -20.37
CA LEU A 103 3.89 13.44 -20.86
C LEU A 103 3.34 12.59 -21.99
N ILE A 104 2.01 12.48 -22.03
CA ILE A 104 1.33 11.68 -23.03
C ILE A 104 0.28 12.51 -23.74
N CYS A 105 0.33 12.50 -25.06
CA CYS A 105 -0.66 13.22 -25.85
C CYS A 105 -1.47 12.12 -26.52
N PHE A 106 -2.75 12.05 -26.14
CA PHE A 106 -3.65 11.06 -26.67
C PHE A 106 -4.62 11.67 -27.67
N ILE A 107 -4.44 11.30 -28.94
CA ILE A 107 -5.27 11.76 -30.05
C ILE A 107 -6.25 10.63 -30.35
N ASP A 108 -7.54 10.92 -30.28
CA ASP A 108 -8.56 9.89 -30.47
C ASP A 108 -9.79 10.33 -31.26
N LYS A 109 -10.45 9.35 -31.87
CA LYS A 109 -11.67 9.55 -32.65
C LYS A 109 -11.56 10.40 -33.91
N PHE A 110 -10.62 10.07 -34.79
CA PHE A 110 -10.42 10.84 -36.00
C PHE A 110 -10.13 9.98 -37.24
N THR A 111 -10.30 10.58 -38.41
CA THR A 111 -10.02 9.92 -39.69
C THR A 111 -10.04 11.00 -40.79
N PRO A 112 -9.21 10.87 -41.82
CA PRO A 112 -8.20 9.84 -42.13
C PRO A 112 -7.02 9.82 -41.17
N PRO A 113 -6.33 8.69 -41.10
CA PRO A 113 -5.17 8.51 -40.23
C PRO A 113 -3.96 9.33 -40.70
N VAL A 114 -4.08 10.65 -40.60
CA VAL A 114 -2.99 11.56 -40.96
C VAL A 114 -3.04 12.72 -39.99
N VAL A 115 -1.92 13.01 -39.35
CA VAL A 115 -1.89 14.11 -38.38
C VAL A 115 -0.46 14.62 -38.16
N ASN A 116 -0.33 15.92 -37.90
CA ASN A 116 0.97 16.52 -37.60
C ASN A 116 0.91 16.76 -36.10
N VAL A 117 1.89 16.23 -35.37
CA VAL A 117 1.91 16.37 -33.93
C VAL A 117 3.25 16.93 -33.51
N THR A 118 3.22 17.93 -32.64
CA THR A 118 4.45 18.56 -32.17
C THR A 118 4.40 18.85 -30.68
N TRP A 119 5.44 18.45 -29.96
CA TRP A 119 5.52 18.74 -28.53
C TRP A 119 6.19 20.10 -28.36
N LEU A 120 5.52 21.03 -27.69
CA LEU A 120 6.06 22.36 -27.46
C LEU A 120 6.31 22.63 -25.97
N ARG A 121 7.49 23.14 -25.65
CA ARG A 121 7.83 23.47 -24.27
C ARG A 121 8.08 24.97 -24.21
N ASN A 122 7.25 25.67 -23.45
CA ASN A 122 7.35 27.12 -23.31
C ASN A 122 7.21 27.77 -24.68
N GLY A 123 6.52 27.07 -25.57
CA GLY A 123 6.30 27.58 -26.91
C GLY A 123 7.31 27.18 -27.96
N LYS A 124 8.37 26.47 -27.57
CA LYS A 124 9.40 26.07 -28.53
C LYS A 124 9.43 24.55 -28.72
N PRO A 125 9.37 24.07 -29.97
CA PRO A 125 9.39 22.64 -30.29
C PRO A 125 10.48 21.85 -29.56
N VAL A 126 10.12 20.64 -29.13
CA VAL A 126 11.06 19.78 -28.43
C VAL A 126 10.95 18.37 -29.03
N THR A 127 12.09 17.72 -29.24
CA THR A 127 12.10 16.38 -29.83
C THR A 127 12.95 15.41 -29.04
N THR A 128 13.48 15.89 -27.92
CA THR A 128 14.33 15.06 -27.09
C THR A 128 13.57 13.86 -26.53
N GLY A 129 13.95 12.67 -26.97
CA GLY A 129 13.33 11.45 -26.50
C GLY A 129 11.85 11.24 -26.79
N VAL A 130 11.29 11.99 -27.73
CA VAL A 130 9.88 11.83 -28.07
C VAL A 130 9.63 10.54 -28.82
N SER A 131 8.55 9.85 -28.50
CA SER A 131 8.21 8.62 -29.21
C SER A 131 6.74 8.67 -29.54
N GLU A 132 6.28 7.71 -30.33
CA GLU A 132 4.89 7.66 -30.74
C GLU A 132 4.47 6.23 -31.13
N THR A 133 3.17 6.04 -31.27
CA THR A 133 2.63 4.73 -31.65
C THR A 133 2.11 4.89 -33.07
N VAL A 134 1.73 3.79 -33.70
CA VAL A 134 1.17 3.91 -35.05
C VAL A 134 -0.30 4.28 -34.82
N PHE A 135 -1.10 4.27 -35.88
CA PHE A 135 -2.52 4.57 -35.74
C PHE A 135 -3.22 3.31 -35.29
N LEU A 136 -3.87 3.39 -34.13
CA LEU A 136 -4.58 2.27 -33.51
C LEU A 136 -6.07 2.26 -33.84
N PRO A 137 -6.68 1.07 -33.89
CA PRO A 137 -8.11 0.90 -34.19
C PRO A 137 -9.06 1.18 -33.03
N ARG A 138 -10.30 1.45 -33.38
CA ARG A 138 -11.41 1.70 -32.45
C ARG A 138 -12.62 0.91 -32.99
N GLU A 139 -13.58 0.59 -32.11
CA GLU A 139 -14.78 -0.14 -32.53
C GLU A 139 -15.64 0.67 -33.48
N ASP A 140 -15.59 1.99 -33.37
CA ASP A 140 -16.37 2.83 -34.27
C ASP A 140 -15.60 3.07 -35.56
N HIS A 141 -14.50 2.34 -35.71
CA HIS A 141 -13.67 2.40 -36.91
C HIS A 141 -12.93 3.71 -37.18
N LEU A 142 -12.79 4.52 -36.14
CA LEU A 142 -12.02 5.76 -36.25
C LEU A 142 -10.63 5.34 -35.80
N PHE A 143 -9.77 6.30 -35.51
CA PHE A 143 -8.42 5.98 -35.12
C PHE A 143 -7.98 6.60 -33.79
N ARG A 144 -6.93 6.02 -33.19
CA ARG A 144 -6.35 6.49 -31.93
C ARG A 144 -4.86 6.58 -32.16
N LYS A 145 -4.18 7.42 -31.39
CA LYS A 145 -2.74 7.52 -31.53
C LYS A 145 -2.15 8.17 -30.28
N PHE A 146 -0.99 7.67 -29.87
CA PHE A 146 -0.30 8.21 -28.69
C PHE A 146 1.05 8.83 -29.03
N HIS A 147 1.42 9.86 -28.28
CA HIS A 147 2.71 10.53 -28.42
C HIS A 147 3.29 10.71 -27.03
N TYR A 148 4.56 10.40 -26.86
CA TYR A 148 5.16 10.51 -25.54
C TYR A 148 6.34 11.45 -25.49
N LEU A 149 6.55 12.04 -24.31
CA LEU A 149 7.64 12.96 -24.10
C LEU A 149 8.13 12.88 -22.67
N PRO A 150 9.26 12.20 -22.46
CA PRO A 150 9.80 12.10 -21.09
C PRO A 150 10.31 13.48 -20.69
N PHE A 151 9.99 13.92 -19.48
CA PHE A 151 10.43 15.23 -19.03
C PHE A 151 10.76 15.23 -17.54
N LEU A 152 11.34 16.35 -17.08
CA LEU A 152 11.72 16.51 -15.68
C LEU A 152 10.84 17.64 -15.16
N PRO A 153 9.80 17.32 -14.37
CA PRO A 153 8.86 18.30 -13.80
C PRO A 153 9.51 19.53 -13.18
N SER A 154 8.95 20.68 -13.47
CA SER A 154 9.48 21.93 -12.95
C SER A 154 8.42 23.00 -13.02
N THR A 155 8.52 23.98 -12.13
CA THR A 155 7.57 25.08 -12.11
C THR A 155 7.98 26.12 -13.14
N GLU A 156 9.08 25.83 -13.83
CA GLU A 156 9.61 26.72 -14.85
C GLU A 156 9.32 26.24 -16.27
N ASP A 157 8.68 25.08 -16.41
CA ASP A 157 8.38 24.54 -17.72
C ASP A 157 6.89 24.36 -18.03
N VAL A 158 6.48 24.89 -19.17
CA VAL A 158 5.10 24.79 -19.63
C VAL A 158 5.12 23.93 -20.91
N TYR A 159 4.12 23.07 -21.07
CA TYR A 159 4.07 22.22 -22.25
C TYR A 159 2.74 22.30 -23.01
N ASP A 160 2.80 21.97 -24.30
CA ASP A 160 1.63 21.97 -25.17
C ASP A 160 1.77 20.89 -26.24
N CYS A 161 0.68 20.22 -26.57
CA CYS A 161 0.72 19.20 -27.63
C CYS A 161 -0.03 19.86 -28.77
N ARG A 162 0.67 20.17 -29.86
CA ARG A 162 0.02 20.82 -31.00
C ARG A 162 -0.35 19.77 -32.04
N VAL A 163 -1.65 19.69 -32.35
CA VAL A 163 -2.14 18.72 -33.32
C VAL A 163 -2.83 19.37 -34.51
N GLU A 164 -2.50 18.87 -35.69
CA GLU A 164 -3.08 19.37 -36.93
C GLU A 164 -3.82 18.24 -37.68
N HIS A 165 -5.06 18.48 -38.06
CA HIS A 165 -5.86 17.50 -38.78
C HIS A 165 -6.72 18.22 -39.82
N TRP A 166 -6.90 17.59 -40.98
CA TRP A 166 -7.68 18.20 -42.05
C TRP A 166 -9.14 18.44 -41.68
N GLY A 167 -9.56 17.88 -40.56
CA GLY A 167 -10.93 18.09 -40.13
C GLY A 167 -10.98 19.24 -39.14
N LEU A 168 -9.81 19.79 -38.83
CA LEU A 168 -9.70 20.88 -37.88
C LEU A 168 -9.49 22.22 -38.59
N ASP A 169 -10.24 23.24 -38.16
CA ASP A 169 -10.17 24.57 -38.76
C ASP A 169 -8.87 25.32 -38.39
N GLU A 170 -8.27 24.95 -37.26
CA GLU A 170 -7.04 25.57 -36.80
C GLU A 170 -6.25 24.62 -35.92
N PRO A 171 -4.92 24.79 -35.86
CA PRO A 171 -4.09 23.92 -35.03
C PRO A 171 -4.69 23.79 -33.63
N LEU A 172 -4.78 22.56 -33.13
CA LEU A 172 -5.32 22.35 -31.80
C LEU A 172 -4.17 22.20 -30.83
N LEU A 173 -4.23 22.89 -29.70
CA LEU A 173 -3.17 22.80 -28.71
C LEU A 173 -3.74 22.45 -27.34
N LYS A 174 -3.06 21.56 -26.63
CA LYS A 174 -3.47 21.18 -25.30
C LYS A 174 -2.35 21.56 -24.37
N HIS A 175 -2.70 22.33 -23.33
CA HIS A 175 -1.75 22.83 -22.36
C HIS A 175 -1.59 21.93 -21.14
N TRP A 176 -0.41 22.02 -20.52
CA TRP A 176 -0.09 21.28 -19.31
C TRP A 176 0.94 22.08 -18.53
N GLU A 177 0.73 22.18 -17.22
CA GLU A 177 1.66 22.90 -16.32
C GLU A 177 1.69 22.24 -14.95
N PHE A 178 2.87 22.18 -14.34
CA PHE A 178 3.02 21.57 -13.03
C PHE A 178 2.08 22.26 -12.05
N ASP A 179 1.46 21.45 -11.18
CA ASP A 179 0.53 21.97 -10.18
C ASP A 179 1.21 22.25 -8.85
N ALA A 180 1.67 23.48 -8.66
CA ALA A 180 2.34 23.89 -7.43
C ALA A 180 1.38 24.61 -6.50
N THR B 1 -6.03 18.85 -47.68
CA THR B 1 -5.71 19.35 -49.05
C THR B 1 -6.69 18.75 -50.07
N ARG B 2 -6.22 17.77 -50.82
CA ARG B 2 -7.03 17.08 -51.82
C ARG B 2 -7.87 16.01 -51.14
N PRO B 3 -8.87 15.44 -51.84
CA PRO B 3 -9.77 14.38 -51.34
C PRO B 3 -9.00 13.10 -51.05
N ARG B 4 -9.31 12.43 -49.94
CA ARG B 4 -8.61 11.19 -49.60
C ARG B 4 -9.52 9.97 -49.68
N PHE B 5 -8.93 8.83 -49.98
CA PHE B 5 -9.66 7.57 -50.11
C PHE B 5 -8.97 6.53 -49.22
N LEU B 6 -9.73 5.98 -48.27
CA LEU B 6 -9.21 5.00 -47.32
C LEU B 6 -9.86 3.63 -47.34
N GLU B 7 -9.01 2.61 -47.39
CA GLU B 7 -9.49 1.25 -47.38
C GLU B 7 -9.07 0.62 -46.05
N LEU B 8 -10.02 0.00 -45.38
CA LEU B 8 -9.72 -0.60 -44.10
C LEU B 8 -10.08 -2.09 -44.04
N LEU B 9 -9.24 -2.88 -43.39
CA LEU B 9 -9.51 -4.30 -43.24
C LEU B 9 -9.27 -4.71 -41.78
N LYS B 10 -10.27 -5.36 -41.17
CA LYS B 10 -10.12 -5.83 -39.79
C LYS B 10 -10.52 -7.30 -39.71
N SER B 11 -9.63 -8.10 -39.15
CA SER B 11 -9.84 -9.53 -38.94
C SER B 11 -9.89 -9.61 -37.41
N GLU B 12 -11.07 -9.96 -36.91
CA GLU B 12 -11.32 -10.03 -35.48
C GLU B 12 -11.52 -11.42 -34.92
N CYS B 13 -10.95 -11.65 -33.76
CA CYS B 13 -11.13 -12.92 -33.13
C CYS B 13 -11.58 -12.62 -31.72
N HIS B 14 -12.81 -13.05 -31.42
CA HIS B 14 -13.47 -12.85 -30.14
C HIS B 14 -13.49 -14.16 -29.39
N PHE B 15 -12.96 -14.12 -28.17
CA PHE B 15 -12.87 -15.30 -27.32
C PHE B 15 -13.73 -15.15 -26.08
N PHE B 16 -14.46 -16.23 -25.77
CA PHE B 16 -15.32 -16.30 -24.59
C PHE B 16 -14.86 -17.56 -23.83
N ASN B 17 -14.49 -17.38 -22.57
CA ASN B 17 -14.01 -18.49 -21.74
C ASN B 17 -12.85 -19.18 -22.45
N GLY B 18 -11.74 -18.46 -22.56
CA GLY B 18 -10.57 -19.01 -23.24
C GLY B 18 -10.86 -19.20 -24.72
N THR B 19 -10.60 -20.41 -25.21
CA THR B 19 -10.85 -20.72 -26.60
C THR B 19 -12.04 -21.66 -26.72
N GLU B 20 -12.81 -21.76 -25.65
CA GLU B 20 -13.98 -22.64 -25.64
C GLU B 20 -14.98 -22.16 -26.66
N ARG B 21 -15.20 -20.85 -26.73
CA ARG B 21 -16.12 -20.27 -27.71
C ARG B 21 -15.36 -19.16 -28.44
N VAL B 22 -15.19 -19.34 -29.75
CA VAL B 22 -14.46 -18.37 -30.55
C VAL B 22 -15.25 -17.90 -31.76
N ARG B 23 -15.14 -16.61 -32.05
CA ARG B 23 -15.85 -16.03 -33.18
C ARG B 23 -14.91 -15.23 -34.10
N PHE B 24 -14.88 -15.59 -35.38
CA PHE B 24 -14.04 -14.93 -36.37
C PHE B 24 -14.86 -13.99 -37.26
N LEU B 25 -14.29 -12.81 -37.50
CA LEU B 25 -14.92 -11.80 -38.36
C LEU B 25 -13.88 -11.15 -39.25
N GLU B 26 -14.18 -11.10 -40.54
CA GLU B 26 -13.30 -10.48 -41.52
C GLU B 26 -14.15 -9.35 -42.10
N ARG B 27 -13.77 -8.11 -41.82
CA ARG B 27 -14.55 -6.95 -42.24
C ARG B 27 -13.84 -5.95 -43.17
N TYR B 28 -14.48 -5.63 -44.30
CA TYR B 28 -13.94 -4.71 -45.30
C TYR B 28 -14.62 -3.34 -45.27
N PHE B 29 -13.83 -2.28 -45.14
CA PHE B 29 -14.34 -0.91 -45.08
C PHE B 29 -13.76 -0.01 -46.15
N HIS B 30 -14.58 0.94 -46.59
CA HIS B 30 -14.14 1.92 -47.56
C HIS B 30 -14.63 3.26 -47.04
N ASN B 31 -13.69 4.17 -46.82
CA ASN B 31 -14.00 5.50 -46.29
C ASN B 31 -14.93 5.43 -45.09
N GLN B 32 -14.55 4.61 -44.11
CA GLN B 32 -15.31 4.42 -42.88
C GLN B 32 -16.59 3.61 -43.05
N GLU B 33 -16.87 3.14 -44.26
CA GLU B 33 -18.08 2.37 -44.51
C GLU B 33 -17.87 0.86 -44.75
N GLU B 34 -18.31 0.04 -43.81
CA GLU B 34 -18.19 -1.41 -43.96
C GLU B 34 -19.16 -1.82 -45.07
N PHE B 35 -18.67 -2.50 -46.09
CA PHE B 35 -19.53 -2.90 -47.18
C PHE B 35 -19.75 -4.41 -47.29
N VAL B 36 -18.79 -5.19 -46.80
CA VAL B 36 -18.93 -6.65 -46.85
C VAL B 36 -18.13 -7.30 -45.72
N ARG B 37 -18.60 -8.45 -45.23
CA ARG B 37 -17.89 -9.16 -44.18
C ARG B 37 -18.19 -10.65 -44.06
N PHE B 38 -17.25 -11.38 -43.46
CA PHE B 38 -17.38 -12.81 -43.21
C PHE B 38 -17.52 -12.91 -41.69
N ASP B 39 -18.46 -13.72 -41.23
CA ASP B 39 -18.69 -13.89 -39.80
C ASP B 39 -18.75 -15.39 -39.64
N SER B 40 -17.87 -15.94 -38.81
CA SER B 40 -17.84 -17.38 -38.60
C SER B 40 -19.19 -17.95 -38.13
N ASP B 41 -20.05 -17.10 -37.58
CA ASP B 41 -21.36 -17.56 -37.13
C ASP B 41 -22.32 -17.84 -38.29
N VAL B 42 -21.99 -17.30 -39.46
CA VAL B 42 -22.80 -17.48 -40.64
C VAL B 42 -22.14 -18.44 -41.61
N GLY B 43 -20.82 -18.32 -41.77
CA GLY B 43 -20.11 -19.23 -42.66
C GLY B 43 -19.94 -18.79 -44.10
N GLU B 44 -20.45 -17.62 -44.42
CA GLU B 44 -20.34 -17.06 -45.78
C GLU B 44 -20.28 -15.55 -45.67
N TYR B 45 -19.98 -14.89 -46.77
CA TYR B 45 -19.93 -13.44 -46.77
C TYR B 45 -21.33 -12.86 -46.89
N ARG B 46 -21.54 -11.72 -46.27
CA ARG B 46 -22.82 -11.01 -46.30
C ARG B 46 -22.53 -9.53 -46.55
N ALA B 47 -23.25 -8.97 -47.51
CA ALA B 47 -23.06 -7.57 -47.85
C ALA B 47 -23.60 -6.75 -46.69
N VAL B 48 -22.93 -5.65 -46.39
CA VAL B 48 -23.36 -4.77 -45.31
C VAL B 48 -24.04 -3.56 -45.95
N THR B 49 -23.66 -3.27 -47.18
CA THR B 49 -24.23 -2.16 -47.95
C THR B 49 -24.39 -2.58 -49.42
N GLU B 50 -24.97 -1.69 -50.23
CA GLU B 50 -25.19 -1.94 -51.64
C GLU B 50 -23.89 -2.32 -52.36
N LEU B 51 -22.83 -1.57 -52.06
CA LEU B 51 -21.52 -1.83 -52.67
C LEU B 51 -21.03 -3.25 -52.45
N GLY B 52 -21.43 -3.87 -51.34
CA GLY B 52 -20.98 -5.21 -51.05
C GLY B 52 -21.77 -6.37 -51.64
N ARG B 53 -22.95 -6.11 -52.21
CA ARG B 53 -23.75 -7.18 -52.76
C ARG B 53 -23.01 -7.97 -53.85
N PRO B 54 -22.55 -7.29 -54.91
CA PRO B 54 -21.83 -8.00 -55.97
C PRO B 54 -20.60 -8.73 -55.44
N VAL B 55 -19.97 -8.17 -54.41
CA VAL B 55 -18.77 -8.77 -53.81
C VAL B 55 -19.13 -10.05 -53.06
N ALA B 56 -20.17 -9.98 -52.23
CA ALA B 56 -20.59 -11.16 -51.49
C ALA B 56 -20.93 -12.30 -52.46
N GLU B 57 -21.69 -11.99 -53.51
CA GLU B 57 -22.11 -12.97 -54.52
C GLU B 57 -20.92 -13.67 -55.17
N SER B 58 -19.95 -12.88 -55.63
CA SER B 58 -18.78 -13.43 -56.26
C SER B 58 -17.95 -14.31 -55.33
N TRP B 59 -17.75 -13.85 -54.09
CA TRP B 59 -16.95 -14.61 -53.13
C TRP B 59 -17.69 -15.87 -52.68
N ASN B 60 -18.97 -15.73 -52.41
CA ASN B 60 -19.76 -16.88 -51.96
C ASN B 60 -19.81 -18.02 -52.98
N SER B 61 -19.70 -17.72 -54.26
CA SER B 61 -19.74 -18.80 -55.25
C SER B 61 -18.44 -19.60 -55.25
N GLN B 62 -17.42 -19.12 -54.55
CA GLN B 62 -16.13 -19.82 -54.49
C GLN B 62 -16.08 -20.63 -53.19
N LYS B 63 -16.60 -21.85 -53.21
CA LYS B 63 -16.63 -22.66 -51.99
C LYS B 63 -15.27 -22.91 -51.34
N ASP B 64 -14.24 -23.06 -52.17
CA ASP B 64 -12.89 -23.30 -51.66
C ASP B 64 -12.40 -22.13 -50.80
N LEU B 65 -12.89 -20.93 -51.11
CA LEU B 65 -12.55 -19.76 -50.34
C LEU B 65 -13.33 -19.82 -49.03
N LEU B 66 -14.62 -20.09 -49.11
CA LEU B 66 -15.45 -20.18 -47.91
C LEU B 66 -14.99 -21.25 -46.92
N GLU B 67 -14.45 -22.35 -47.43
CA GLU B 67 -13.98 -23.43 -46.57
C GLU B 67 -12.79 -22.97 -45.75
N GLN B 68 -11.87 -22.26 -46.40
CA GLN B 68 -10.69 -21.76 -45.71
C GLN B 68 -11.07 -20.76 -44.63
N LYS B 69 -12.03 -19.89 -44.94
CA LYS B 69 -12.49 -18.90 -43.98
C LYS B 69 -13.21 -19.57 -42.80
N ARG B 70 -13.89 -20.67 -43.06
CA ARG B 70 -14.62 -21.40 -42.04
C ARG B 70 -13.68 -22.10 -41.07
N GLY B 71 -12.41 -22.19 -41.43
CA GLY B 71 -11.43 -22.84 -40.57
C GLY B 71 -10.53 -21.86 -39.82
N GLN B 72 -10.75 -20.57 -40.00
CA GLN B 72 -9.93 -19.58 -39.30
C GLN B 72 -10.10 -19.61 -37.78
N VAL B 73 -11.33 -19.79 -37.29
CA VAL B 73 -11.53 -19.84 -35.83
C VAL B 73 -10.52 -20.80 -35.22
N ASP B 74 -10.20 -21.87 -35.96
CA ASP B 74 -9.24 -22.86 -35.49
C ASP B 74 -7.80 -22.61 -35.91
N THR B 75 -7.53 -22.39 -37.20
CA THR B 75 -6.15 -22.22 -37.61
C THR B 75 -5.62 -20.79 -37.61
N TYR B 76 -6.44 -19.87 -37.12
CA TYR B 76 -6.06 -18.46 -37.05
C TYR B 76 -6.31 -17.95 -35.64
N CYS B 77 -7.57 -17.84 -35.25
CA CYS B 77 -7.93 -17.35 -33.92
C CYS B 77 -7.38 -18.20 -32.77
N ARG B 78 -7.79 -19.47 -32.68
CA ARG B 78 -7.29 -20.30 -31.59
C ARG B 78 -5.77 -20.45 -31.69
N HIS B 79 -5.27 -20.56 -32.91
CA HIS B 79 -3.85 -20.68 -33.06
C HIS B 79 -3.11 -19.49 -32.44
N ASN B 80 -3.49 -18.27 -32.82
CA ASN B 80 -2.82 -17.08 -32.29
C ASN B 80 -3.00 -16.89 -30.79
N TYR B 81 -4.17 -17.24 -30.27
CA TYR B 81 -4.40 -17.11 -28.83
C TYR B 81 -3.30 -17.95 -28.15
N GLY B 82 -3.13 -19.17 -28.62
CA GLY B 82 -2.11 -20.04 -28.05
C GLY B 82 -0.74 -19.40 -27.99
N VAL B 83 -0.38 -18.70 -29.05
CA VAL B 83 0.93 -18.05 -29.13
C VAL B 83 1.16 -16.84 -28.23
N VAL B 84 0.18 -15.96 -28.10
CA VAL B 84 0.34 -14.74 -27.29
C VAL B 84 -0.30 -14.83 -25.90
N GLU B 85 -0.95 -15.95 -25.61
CA GLU B 85 -1.63 -16.17 -24.34
C GLU B 85 -0.80 -15.82 -23.12
N SER B 86 0.42 -16.36 -23.07
CA SER B 86 1.32 -16.16 -21.95
C SER B 86 1.67 -14.72 -21.60
N PHE B 87 1.88 -13.88 -22.62
CA PHE B 87 2.25 -12.49 -22.32
C PHE B 87 1.17 -11.44 -22.52
N THR B 88 -0.06 -11.87 -22.81
CA THR B 88 -1.18 -10.95 -23.00
C THR B 88 -2.29 -11.26 -22.00
N VAL B 89 -2.97 -12.38 -22.22
CA VAL B 89 -4.05 -12.86 -21.36
C VAL B 89 -3.59 -13.01 -19.90
N GLN B 90 -2.39 -13.57 -19.73
CA GLN B 90 -1.81 -13.81 -18.40
C GLN B 90 -0.93 -12.68 -17.87
N ARG B 91 -0.87 -11.56 -18.59
CA ARG B 91 -0.06 -10.43 -18.16
C ARG B 91 -0.71 -9.71 -16.98
N ARG B 92 0.11 -9.45 -15.96
CA ARG B 92 -0.36 -8.77 -14.76
C ARG B 92 0.69 -7.87 -14.13
N VAL B 93 0.33 -6.61 -13.97
CA VAL B 93 1.21 -5.64 -13.37
C VAL B 93 0.44 -4.96 -12.25
N HIS B 94 1.02 -5.02 -11.05
CA HIS B 94 0.45 -4.45 -9.82
C HIS B 94 0.32 -2.94 -9.98
N PRO B 95 -0.73 -2.35 -9.38
CA PRO B 95 -0.88 -0.90 -9.50
C PRO B 95 -0.07 -0.18 -8.42
N GLN B 96 0.35 1.04 -8.71
CA GLN B 96 1.07 1.86 -7.75
C GLN B 96 -0.05 2.76 -7.25
N VAL B 97 -0.15 2.95 -5.94
CA VAL B 97 -1.21 3.76 -5.37
C VAL B 97 -0.69 4.88 -4.47
N THR B 98 -1.21 6.09 -4.68
CA THR B 98 -0.85 7.24 -3.88
C THR B 98 -2.08 8.09 -3.61
N VAL B 99 -2.17 8.64 -2.41
CA VAL B 99 -3.26 9.51 -2.02
C VAL B 99 -2.64 10.88 -1.72
N TYR B 100 -3.26 11.93 -2.24
CA TYR B 100 -2.78 13.29 -2.04
C TYR B 100 -3.89 14.33 -2.21
N PRO B 101 -3.79 15.47 -1.51
CA PRO B 101 -4.78 16.54 -1.59
C PRO B 101 -4.64 17.30 -2.91
N ALA B 102 -5.74 17.88 -3.38
CA ALA B 102 -5.76 18.67 -4.62
C ALA B 102 -6.82 19.75 -4.45
N LYS B 103 -6.79 20.76 -5.32
CA LYS B 103 -7.76 21.86 -5.26
C LYS B 103 -8.62 21.95 -6.51
N THR B 104 -9.93 22.10 -6.32
CA THR B 104 -10.86 22.23 -7.44
C THR B 104 -10.93 23.71 -7.79
N GLN B 105 -10.06 24.49 -7.14
CA GLN B 105 -10.00 25.93 -7.35
C GLN B 105 -8.72 26.46 -6.70
N PRO B 106 -7.73 26.86 -7.51
CA PRO B 106 -6.45 27.38 -7.01
C PRO B 106 -6.63 28.48 -5.97
N LEU B 107 -7.83 29.04 -5.94
CA LEU B 107 -8.19 30.11 -5.02
C LEU B 107 -8.02 29.69 -3.55
N GLN B 108 -9.00 28.94 -3.03
CA GLN B 108 -8.95 28.48 -1.65
C GLN B 108 -7.97 27.33 -1.44
N HIS B 109 -8.22 26.53 -0.41
CA HIS B 109 -7.38 25.39 -0.06
C HIS B 109 -7.86 24.05 -0.61
N HIS B 110 -7.14 23.00 -0.24
CA HIS B 110 -7.44 21.64 -0.68
C HIS B 110 -8.81 21.18 -0.20
N ASN B 111 -9.64 20.73 -1.15
CA ASN B 111 -10.98 20.24 -0.86
C ASN B 111 -11.26 19.01 -1.74
N LEU B 112 -10.19 18.34 -2.13
CA LEU B 112 -10.29 17.15 -2.97
C LEU B 112 -9.18 16.16 -2.57
N LEU B 113 -9.55 14.90 -2.37
CA LEU B 113 -8.58 13.88 -2.00
C LEU B 113 -8.46 12.94 -3.19
N VAL B 114 -7.27 12.88 -3.79
CA VAL B 114 -7.05 12.06 -4.98
C VAL B 114 -6.44 10.71 -4.73
N CYS B 115 -7.09 9.66 -5.23
CA CYS B 115 -6.49 8.35 -5.08
C CYS B 115 -5.99 8.04 -6.49
N SER B 116 -4.69 8.03 -6.64
CA SER B 116 -4.06 7.77 -7.93
C SER B 116 -3.65 6.30 -8.01
N VAL B 117 -4.04 5.64 -9.09
CA VAL B 117 -3.70 4.21 -9.29
C VAL B 117 -3.09 4.15 -10.68
N SER B 118 -1.82 3.78 -10.78
CA SER B 118 -1.18 3.76 -12.07
C SER B 118 -0.27 2.59 -12.40
N GLY B 119 0.10 2.51 -13.67
CA GLY B 119 0.99 1.48 -14.19
C GLY B 119 0.49 0.04 -14.15
N PHE B 120 -0.81 -0.15 -14.00
CA PHE B 120 -1.37 -1.50 -13.90
C PHE B 120 -1.91 -2.16 -15.17
N TYR B 121 -2.11 -3.48 -15.08
CA TYR B 121 -2.63 -4.27 -16.20
C TYR B 121 -3.15 -5.63 -15.71
N PRO B 122 -4.31 -6.11 -16.22
CA PRO B 122 -5.20 -5.52 -17.22
C PRO B 122 -5.88 -4.24 -16.73
N GLY B 123 -6.76 -3.70 -17.56
CA GLY B 123 -7.47 -2.48 -17.24
C GLY B 123 -8.59 -2.59 -16.22
N SER B 124 -9.07 -3.81 -15.98
CA SER B 124 -10.14 -4.05 -15.03
C SER B 124 -9.70 -3.68 -13.60
N ILE B 125 -10.40 -2.73 -12.99
CA ILE B 125 -10.05 -2.30 -11.64
C ILE B 125 -11.23 -1.69 -10.94
N GLU B 126 -11.17 -1.72 -9.61
CA GLU B 126 -12.22 -1.17 -8.78
C GLU B 126 -11.57 -0.34 -7.67
N VAL B 127 -12.05 0.89 -7.51
CA VAL B 127 -11.53 1.78 -6.47
C VAL B 127 -12.70 2.34 -5.65
N ARG B 128 -12.57 2.29 -4.33
CA ARG B 128 -13.61 2.78 -3.45
C ARG B 128 -12.99 3.67 -2.38
N TRP B 129 -13.72 4.70 -1.98
CA TRP B 129 -13.25 5.61 -0.95
C TRP B 129 -13.98 5.32 0.36
N PHE B 130 -13.25 5.45 1.47
CA PHE B 130 -13.82 5.23 2.78
C PHE B 130 -13.46 6.39 3.70
N ARG B 131 -14.42 6.85 4.50
CA ARG B 131 -14.18 7.91 5.46
C ARG B 131 -14.48 7.31 6.83
N ASN B 132 -13.50 7.37 7.73
CA ASN B 132 -13.63 6.81 9.07
C ASN B 132 -14.23 5.41 9.05
N GLY B 133 -13.83 4.63 8.05
CA GLY B 133 -14.30 3.26 7.92
C GLY B 133 -15.61 3.05 7.16
N GLN B 134 -16.27 4.12 6.74
CA GLN B 134 -17.52 3.99 6.01
C GLN B 134 -17.35 4.40 4.55
N GLU B 135 -17.80 3.55 3.62
CA GLU B 135 -17.67 3.87 2.20
C GLU B 135 -18.42 5.15 1.87
N GLU B 136 -17.81 5.98 1.04
CA GLU B 136 -18.42 7.23 0.61
C GLU B 136 -18.63 7.08 -0.88
N LYS B 137 -19.79 7.49 -1.37
CA LYS B 137 -20.11 7.36 -2.80
C LYS B 137 -20.62 8.62 -3.50
N THR B 138 -21.42 9.40 -2.79
CA THR B 138 -22.00 10.61 -3.38
C THR B 138 -21.00 11.66 -3.86
N GLY B 139 -19.88 11.79 -3.14
CA GLY B 139 -18.91 12.79 -3.51
C GLY B 139 -17.73 12.33 -4.34
N VAL B 140 -17.86 11.16 -4.97
CA VAL B 140 -16.78 10.64 -5.76
C VAL B 140 -16.83 10.99 -7.24
N VAL B 141 -15.70 11.46 -7.76
CA VAL B 141 -15.61 11.82 -9.17
C VAL B 141 -14.32 11.17 -9.68
N SER B 142 -14.28 10.82 -10.96
CA SER B 142 -13.11 10.17 -11.50
C SER B 142 -12.80 10.54 -12.94
N THR B 143 -11.62 10.17 -13.39
CA THR B 143 -11.20 10.42 -14.76
C THR B 143 -11.68 9.22 -15.57
N GLY B 144 -12.13 8.20 -14.86
CA GLY B 144 -12.57 6.98 -15.51
C GLY B 144 -11.29 6.21 -15.83
N LEU B 145 -11.41 5.06 -16.49
CA LEU B 145 -10.25 4.24 -16.85
C LEU B 145 -9.48 4.92 -17.99
N ILE B 146 -8.18 5.09 -17.80
CA ILE B 146 -7.33 5.73 -18.80
C ILE B 146 -6.26 4.80 -19.33
N HIS B 147 -6.23 4.63 -20.64
CA HIS B 147 -5.25 3.76 -21.26
C HIS B 147 -4.01 4.61 -21.60
N ASN B 148 -2.81 4.15 -21.24
CA ASN B 148 -1.59 4.90 -21.54
C ASN B 148 -0.99 4.53 -22.93
N GLY B 149 -1.54 3.50 -23.58
CA GLY B 149 -1.08 3.07 -24.90
C GLY B 149 0.15 2.18 -24.90
N ASP B 150 0.63 1.83 -23.72
CA ASP B 150 1.83 1.04 -23.58
C ASP B 150 1.65 -0.19 -22.68
N TRP B 151 0.48 -0.79 -22.74
CA TRP B 151 0.16 -1.96 -21.93
C TRP B 151 0.08 -1.66 -20.42
N THR B 152 -0.28 -0.42 -20.10
CA THR B 152 -0.51 -0.04 -18.71
C THR B 152 -1.69 0.92 -18.68
N PHE B 153 -2.36 1.00 -17.53
CA PHE B 153 -3.51 1.86 -17.37
C PHE B 153 -3.33 2.66 -16.11
N GLN B 154 -4.21 3.64 -15.91
CA GLN B 154 -4.20 4.44 -14.70
C GLN B 154 -5.59 5.04 -14.54
N THR B 155 -5.88 5.50 -13.33
CA THR B 155 -7.15 6.16 -13.04
C THR B 155 -7.03 7.01 -11.79
N LEU B 156 -7.73 8.13 -11.78
CA LEU B 156 -7.76 9.03 -10.63
C LEU B 156 -9.19 9.03 -10.12
N VAL B 157 -9.34 8.64 -8.87
CA VAL B 157 -10.65 8.59 -8.24
C VAL B 157 -10.54 9.62 -7.13
N MET B 158 -11.24 10.73 -7.30
CA MET B 158 -11.19 11.83 -6.36
C MET B 158 -12.38 11.91 -5.41
N LEU B 159 -12.11 12.22 -4.15
CA LEU B 159 -13.18 12.34 -3.16
C LEU B 159 -13.36 13.83 -2.85
N GLU B 160 -14.54 14.36 -3.12
CA GLU B 160 -14.81 15.78 -2.85
C GLU B 160 -15.09 15.91 -1.35
N THR B 161 -14.10 16.35 -0.61
CA THR B 161 -14.29 16.48 0.83
C THR B 161 -13.38 17.55 1.42
N VAL B 162 -13.82 18.10 2.55
CA VAL B 162 -13.07 19.11 3.25
C VAL B 162 -12.57 18.42 4.52
N PRO B 163 -11.31 17.98 4.52
CA PRO B 163 -10.74 17.29 5.69
C PRO B 163 -10.80 18.09 6.99
N ARG B 164 -11.05 17.39 8.09
CA ARG B 164 -11.09 18.03 9.39
C ARG B 164 -10.15 17.22 10.26
N SER B 165 -9.50 17.88 11.22
CA SER B 165 -8.56 17.21 12.10
C SER B 165 -9.16 15.97 12.76
N GLY B 166 -8.49 14.83 12.64
CA GLY B 166 -9.01 13.63 13.27
C GLY B 166 -9.60 12.62 12.31
N GLU B 167 -10.06 13.09 11.15
CA GLU B 167 -10.65 12.19 10.17
C GLU B 167 -9.61 11.28 9.53
N VAL B 168 -10.06 10.11 9.13
CA VAL B 168 -9.20 9.12 8.51
C VAL B 168 -9.85 8.70 7.21
N TYR B 169 -9.12 8.81 6.11
CA TYR B 169 -9.65 8.42 4.81
C TYR B 169 -8.94 7.18 4.31
N THR B 170 -9.64 6.37 3.53
CA THR B 170 -9.03 5.18 3.00
C THR B 170 -9.40 4.89 1.55
N CYS B 171 -8.38 4.76 0.72
CA CYS B 171 -8.59 4.40 -0.67
C CYS B 171 -8.41 2.88 -0.79
N GLN B 172 -9.38 2.20 -1.39
CA GLN B 172 -9.31 0.74 -1.55
C GLN B 172 -9.29 0.36 -3.04
N VAL B 173 -8.26 -0.38 -3.42
CA VAL B 173 -8.05 -0.81 -4.80
C VAL B 173 -8.15 -2.34 -4.94
N GLU B 174 -8.99 -2.77 -5.86
CA GLU B 174 -9.22 -4.18 -6.12
C GLU B 174 -8.78 -4.39 -7.58
N HIS B 175 -7.89 -5.33 -7.81
CA HIS B 175 -7.37 -5.58 -9.15
C HIS B 175 -6.86 -7.01 -9.28
N PRO B 176 -7.00 -7.61 -10.48
CA PRO B 176 -6.58 -8.97 -10.79
C PRO B 176 -5.13 -9.31 -10.44
N SER B 177 -4.28 -8.29 -10.33
CA SER B 177 -2.88 -8.57 -10.01
C SER B 177 -2.69 -8.97 -8.55
N VAL B 178 -3.71 -8.76 -7.71
CA VAL B 178 -3.60 -9.13 -6.29
C VAL B 178 -4.82 -9.89 -5.80
N THR B 179 -4.60 -10.83 -4.89
CA THR B 179 -5.69 -11.64 -4.35
C THR B 179 -6.35 -11.03 -3.11
N SER B 180 -5.92 -9.83 -2.76
CA SER B 180 -6.51 -9.13 -1.62
C SER B 180 -6.54 -7.65 -1.93
N PRO B 181 -7.60 -6.96 -1.51
CA PRO B 181 -7.70 -5.53 -1.78
C PRO B 181 -6.53 -4.73 -1.21
N LEU B 182 -6.03 -3.78 -1.97
CA LEU B 182 -4.94 -2.92 -1.53
C LEU B 182 -5.55 -1.65 -0.93
N THR B 183 -4.93 -1.14 0.13
CA THR B 183 -5.46 0.06 0.78
C THR B 183 -4.37 1.07 1.12
N VAL B 184 -4.73 2.34 1.08
CA VAL B 184 -3.82 3.41 1.42
C VAL B 184 -4.64 4.35 2.25
N GLU B 185 -4.20 4.60 3.47
CA GLU B 185 -4.92 5.49 4.36
C GLU B 185 -4.31 6.90 4.32
N TRP B 186 -5.10 7.89 4.69
CA TRP B 186 -4.65 9.28 4.71
C TRP B 186 -5.33 9.88 5.93
N ARG B 187 -4.56 10.54 6.79
CA ARG B 187 -5.14 11.11 8.00
C ARG B 187 -5.00 12.62 8.04
N ALA B 188 -6.08 13.31 8.38
CA ALA B 188 -6.08 14.75 8.45
C ALA B 188 -5.66 15.27 9.84
N GLN C 1 4.46 -20.56 -31.45
CA GLN C 1 5.35 -19.38 -31.27
C GLN C 1 5.27 -18.47 -32.48
N HIS C 2 4.55 -18.92 -33.51
CA HIS C 2 4.41 -18.13 -34.74
C HIS C 2 3.00 -17.56 -34.93
N ILE C 3 2.89 -16.24 -34.96
CA ILE C 3 1.60 -15.57 -35.16
C ILE C 3 1.27 -15.62 -36.65
N ARG C 4 0.05 -16.08 -36.97
CA ARG C 4 -0.37 -16.18 -38.36
C ARG C 4 -1.21 -14.96 -38.75
N CYS C 5 -1.18 -14.59 -40.03
CA CYS C 5 -2.00 -13.46 -40.45
C CYS C 5 -3.15 -13.98 -41.29
N ASN C 6 -4.25 -13.25 -41.31
CA ASN C 6 -5.40 -13.64 -42.10
C ASN C 6 -5.20 -12.89 -43.42
N ILE C 7 -5.47 -13.57 -44.53
CA ILE C 7 -5.28 -12.97 -45.85
C ILE C 7 -6.59 -12.51 -46.48
N PRO C 8 -6.70 -11.21 -46.80
CA PRO C 8 -7.91 -10.65 -47.42
C PRO C 8 -8.08 -11.13 -48.87
N LYS C 9 -9.30 -11.03 -49.37
CA LYS C 9 -9.61 -11.44 -50.73
C LYS C 9 -9.69 -10.22 -51.67
N ARG C 10 -9.17 -10.38 -52.88
CA ARG C 10 -9.23 -9.32 -53.89
C ARG C 10 -10.67 -9.20 -54.38
N ILE C 11 -11.19 -7.99 -54.45
CA ILE C 11 -12.56 -7.78 -54.91
C ILE C 11 -12.65 -8.01 -56.42
N GLY C 12 -11.54 -7.78 -57.11
CA GLY C 12 -11.55 -7.95 -58.55
C GLY C 12 -10.20 -8.31 -59.12
N PRO C 13 -10.14 -8.63 -60.42
CA PRO C 13 -8.87 -8.98 -61.04
C PRO C 13 -8.05 -7.80 -61.55
N SER C 14 -8.66 -6.62 -61.61
CA SER C 14 -8.01 -5.41 -62.09
C SER C 14 -6.70 -5.09 -61.37
N LYS C 15 -5.64 -4.92 -62.15
CA LYS C 15 -4.33 -4.59 -61.61
C LYS C 15 -3.96 -3.16 -62.03
N VAL C 16 -4.97 -2.31 -62.20
CA VAL C 16 -4.75 -0.93 -62.61
C VAL C 16 -4.75 0.06 -61.45
N ALA C 17 -3.81 0.98 -61.44
CA ALA C 17 -3.76 1.99 -60.39
C ALA C 17 -4.01 3.35 -61.05
N THR C 18 -5.02 4.07 -60.58
CA THR C 18 -5.35 5.36 -61.15
C THR C 18 -5.19 6.49 -60.14
N LEU C 19 -4.72 7.64 -60.63
CA LEU C 19 -4.53 8.81 -59.79
C LEU C 19 -5.89 9.31 -59.32
N VAL C 20 -6.11 9.27 -58.00
CA VAL C 20 -7.38 9.71 -57.42
C VAL C 20 -7.72 11.16 -57.80
N PRO C 21 -9.03 11.45 -57.95
CA PRO C 21 -9.52 12.78 -58.33
C PRO C 21 -8.98 13.93 -57.47
N ARG C 22 -8.78 15.07 -58.10
CA ARG C 22 -8.27 16.26 -57.43
C ARG C 22 -9.39 17.03 -56.73
N GLU D 1 13.33 11.38 44.74
CA GLU D 1 12.65 10.32 43.94
C GLU D 1 12.93 10.44 42.44
N GLU D 2 13.51 9.39 41.88
CA GLU D 2 13.84 9.35 40.45
C GLU D 2 12.77 8.58 39.67
N HIS D 3 12.13 9.25 38.71
CA HIS D 3 11.07 8.65 37.90
C HIS D 3 11.12 9.06 36.43
N VAL D 4 10.44 8.29 35.58
CA VAL D 4 10.40 8.60 34.15
C VAL D 4 9.00 8.39 33.55
N ILE D 5 8.55 9.41 32.82
CA ILE D 5 7.25 9.36 32.16
C ILE D 5 7.45 9.49 30.66
N ILE D 6 6.96 8.51 29.92
CA ILE D 6 7.13 8.51 28.48
C ILE D 6 5.82 8.51 27.70
N GLN D 7 5.74 9.37 26.70
CA GLN D 7 4.57 9.40 25.84
C GLN D 7 5.08 8.69 24.57
N ALA D 8 4.52 7.53 24.27
CA ALA D 8 4.94 6.75 23.11
C ALA D 8 3.82 6.57 22.09
N GLU D 9 4.13 6.83 20.83
CA GLU D 9 3.16 6.70 19.75
C GLU D 9 3.86 6.12 18.53
N PHE D 10 3.13 5.35 17.73
CA PHE D 10 3.70 4.79 16.52
C PHE D 10 2.63 4.54 15.50
N TYR D 11 3.04 4.52 14.25
CA TYR D 11 2.13 4.23 13.15
C TYR D 11 2.89 3.20 12.34
N LEU D 12 2.21 2.15 11.92
CA LEU D 12 2.83 1.10 11.14
C LEU D 12 2.15 0.95 9.78
N ASN D 13 2.97 0.94 8.74
CA ASN D 13 2.50 0.75 7.37
C ASN D 13 3.07 -0.59 6.93
N PRO D 14 2.37 -1.32 6.05
CA PRO D 14 1.09 -0.99 5.41
C PRO D 14 -0.12 -1.46 6.24
N ASP D 15 0.13 -1.87 7.47
CA ASP D 15 -0.92 -2.33 8.37
C ASP D 15 -1.90 -1.21 8.72
N GLN D 16 -1.43 0.03 8.68
CA GLN D 16 -2.27 1.20 8.98
C GLN D 16 -2.78 1.11 10.42
N SER D 17 -1.90 0.70 11.32
CA SER D 17 -2.24 0.58 12.72
C SER D 17 -1.38 1.57 13.49
N GLY D 18 -1.95 2.17 14.52
CA GLY D 18 -1.21 3.13 15.32
C GLY D 18 -1.68 3.13 16.75
N GLU D 19 -0.77 3.45 17.66
CA GLU D 19 -1.12 3.49 19.07
C GLU D 19 -0.53 4.72 19.75
N PHE D 20 -1.15 5.10 20.85
CA PHE D 20 -0.73 6.25 21.63
C PHE D 20 -0.95 5.89 23.08
N MET D 21 0.08 6.07 23.90
CA MET D 21 -0.02 5.77 25.31
C MET D 21 1.01 6.51 26.15
N PHE D 22 0.76 6.54 27.46
CA PHE D 22 1.66 7.18 28.41
C PHE D 22 2.16 6.09 29.32
N ASP D 23 3.46 6.12 29.58
CA ASP D 23 4.14 5.13 30.40
C ASP D 23 4.79 5.76 31.64
N PHE D 24 4.63 5.12 32.79
CA PHE D 24 5.23 5.59 34.04
C PHE D 24 6.09 4.47 34.64
N ASP D 25 7.39 4.71 34.74
CA ASP D 25 8.30 3.69 35.28
C ASP D 25 8.04 2.29 34.72
N GLY D 26 7.74 2.20 33.43
CA GLY D 26 7.49 0.89 32.83
C GLY D 26 6.04 0.40 32.85
N ASP D 27 5.16 1.10 33.56
CA ASP D 27 3.75 0.74 33.64
C ASP D 27 2.90 1.68 32.79
N GLU D 28 1.78 1.19 32.29
CA GLU D 28 0.90 1.99 31.44
C GLU D 28 -0.07 2.84 32.25
N ILE D 29 -0.10 4.14 31.97
CA ILE D 29 -1.04 5.00 32.68
C ILE D 29 -2.37 4.97 31.92
N PHE D 30 -2.27 5.00 30.59
CA PHE D 30 -3.45 4.95 29.73
C PHE D 30 -3.07 4.92 28.25
N HIS D 31 -4.02 4.55 27.42
CA HIS D 31 -3.80 4.54 25.98
C HIS D 31 -5.07 5.08 25.33
N VAL D 32 -4.98 5.47 24.06
CA VAL D 32 -6.16 5.99 23.40
C VAL D 32 -6.66 5.02 22.33
N ASP D 33 -7.94 4.68 22.43
CA ASP D 33 -8.58 3.78 21.46
C ASP D 33 -8.73 4.61 20.20
N MET D 34 -7.89 4.33 19.21
CA MET D 34 -7.94 5.08 17.95
C MET D 34 -9.29 4.95 17.25
N ALA D 35 -9.91 3.77 17.34
CA ALA D 35 -11.19 3.53 16.70
C ALA D 35 -12.34 4.28 17.39
N LYS D 36 -12.50 4.07 18.69
CA LYS D 36 -13.57 4.72 19.44
C LYS D 36 -13.23 6.15 19.85
N LYS D 37 -11.99 6.56 19.62
CA LYS D 37 -11.55 7.90 19.99
C LYS D 37 -11.84 8.19 21.47
N GLU D 38 -11.41 7.29 22.34
CA GLU D 38 -11.63 7.45 23.78
C GLU D 38 -10.40 7.08 24.60
N THR D 39 -10.26 7.71 25.76
CA THR D 39 -9.15 7.46 26.65
C THR D 39 -9.43 6.25 27.53
N VAL D 40 -8.53 5.28 27.52
CA VAL D 40 -8.70 4.06 28.30
C VAL D 40 -7.64 3.93 29.39
N TRP D 41 -8.03 4.20 30.64
CA TRP D 41 -7.10 4.11 31.75
C TRP D 41 -6.77 2.65 32.08
N ARG D 42 -5.52 2.39 32.43
CA ARG D 42 -5.10 1.02 32.75
C ARG D 42 -5.78 0.53 34.02
N LEU D 43 -5.98 1.44 34.96
CA LEU D 43 -6.64 1.13 36.21
C LEU D 43 -7.78 2.11 36.37
N GLU D 44 -8.99 1.57 36.51
CA GLU D 44 -10.21 2.35 36.66
C GLU D 44 -10.00 3.63 37.49
N GLU D 45 -9.39 3.47 38.65
CA GLU D 45 -9.13 4.59 39.56
C GLU D 45 -8.43 5.81 38.94
N PHE D 46 -7.49 5.58 38.03
CA PHE D 46 -6.79 6.70 37.41
C PHE D 46 -7.78 7.68 36.79
N GLY D 47 -8.82 7.13 36.17
CA GLY D 47 -9.82 7.96 35.53
C GLY D 47 -10.54 8.92 36.46
N ARG D 48 -10.45 8.69 37.77
CA ARG D 48 -11.13 9.57 38.72
C ARG D 48 -10.20 10.63 39.29
N PHE D 49 -8.92 10.54 38.94
CA PHE D 49 -7.94 11.50 39.44
C PHE D 49 -7.32 12.34 38.34
N ALA D 50 -7.59 12.01 37.08
CA ALA D 50 -7.02 12.75 35.96
C ALA D 50 -7.81 12.55 34.68
N SER D 51 -7.54 13.38 33.69
CA SER D 51 -8.23 13.29 32.40
C SER D 51 -7.28 13.52 31.24
N PHE D 52 -7.73 13.15 30.05
CA PHE D 52 -6.93 13.35 28.84
C PHE D 52 -7.84 13.44 27.62
N GLU D 53 -7.65 14.48 26.82
CA GLU D 53 -8.46 14.63 25.62
C GLU D 53 -7.94 13.71 24.52
N ALA D 54 -8.65 12.62 24.28
CA ALA D 54 -8.26 11.66 23.26
C ALA D 54 -8.07 12.30 21.87
N GLN D 55 -8.73 13.41 21.62
CA GLN D 55 -8.62 14.07 20.32
C GLN D 55 -7.17 14.44 20.00
N GLY D 56 -6.46 14.95 21.00
CA GLY D 56 -5.07 15.34 20.80
C GLY D 56 -4.24 14.19 20.26
N ALA D 57 -4.58 12.98 20.68
CA ALA D 57 -3.85 11.81 20.22
C ALA D 57 -4.08 11.60 18.73
N LEU D 58 -5.31 11.79 18.27
CA LEU D 58 -5.61 11.61 16.85
C LEU D 58 -4.74 12.60 16.08
N ALA D 59 -4.74 13.84 16.52
CA ALA D 59 -3.94 14.87 15.86
C ALA D 59 -2.47 14.42 15.80
N ASN D 60 -1.96 13.86 16.90
CA ASN D 60 -0.57 13.40 16.97
C ASN D 60 -0.25 12.28 15.97
N ILE D 61 -1.14 11.30 15.88
CA ILE D 61 -0.93 10.18 14.98
C ILE D 61 -0.88 10.63 13.52
N ALA D 62 -1.64 11.67 13.20
CA ALA D 62 -1.66 12.20 11.85
C ALA D 62 -0.28 12.75 11.50
N VAL D 63 0.37 13.40 12.46
CA VAL D 63 1.70 13.95 12.21
C VAL D 63 2.69 12.79 12.08
N ASP D 64 2.56 11.81 12.98
CA ASP D 64 3.43 10.64 12.98
C ASP D 64 3.33 9.86 11.67
N LYS D 65 2.11 9.73 11.14
CA LYS D 65 1.89 9.02 9.88
C LYS D 65 2.49 9.81 8.74
N ALA D 66 2.34 11.13 8.80
CA ALA D 66 2.87 12.00 7.77
C ALA D 66 4.41 11.93 7.81
N ASN D 67 5.00 11.80 9.00
CA ASN D 67 6.46 11.72 9.06
C ASN D 67 6.94 10.37 8.52
N LEU D 68 6.16 9.33 8.74
CA LEU D 68 6.50 8.00 8.25
C LEU D 68 6.52 7.96 6.73
N GLU D 69 5.54 8.60 6.10
CA GLU D 69 5.46 8.62 4.64
C GLU D 69 6.74 9.26 4.11
N ILE D 70 7.11 10.38 4.71
CA ILE D 70 8.30 11.14 4.30
C ILE D 70 9.60 10.41 4.59
N MET D 71 9.74 9.90 5.82
CA MET D 71 10.97 9.20 6.15
C MET D 71 11.13 7.90 5.36
N THR D 72 10.02 7.23 5.07
CA THR D 72 10.08 5.99 4.30
C THR D 72 10.67 6.24 2.92
N LYS D 73 10.32 7.38 2.32
CA LYS D 73 10.80 7.73 1.01
C LYS D 73 12.25 8.20 1.11
N ARG D 74 12.53 9.09 2.07
CA ARG D 74 13.89 9.60 2.25
C ARG D 74 14.91 8.52 2.58
N SER D 75 14.42 7.35 2.97
CA SER D 75 15.30 6.25 3.30
C SER D 75 15.20 5.13 2.25
N ASN D 76 14.91 5.52 1.01
CA ASN D 76 14.79 4.59 -0.10
C ASN D 76 13.97 3.33 0.20
N TYR D 77 12.86 3.52 0.91
CA TYR D 77 11.96 2.42 1.25
C TYR D 77 12.60 1.15 1.83
N THR D 78 13.56 1.31 2.74
CA THR D 78 14.22 0.14 3.35
C THR D 78 13.32 -0.43 4.46
N PRO D 79 12.96 -1.73 4.39
CA PRO D 79 12.10 -2.40 5.37
C PRO D 79 12.65 -2.46 6.80
N ILE D 80 11.79 -2.82 7.74
CA ILE D 80 12.20 -2.95 9.12
C ILE D 80 12.65 -4.40 9.33
N THR D 81 13.69 -4.58 10.11
CA THR D 81 14.19 -5.92 10.36
C THR D 81 13.34 -6.53 11.47
N ASN D 82 12.81 -7.72 11.23
CA ASN D 82 11.97 -8.37 12.24
C ASN D 82 12.81 -8.81 13.42
N VAL D 83 12.21 -8.75 14.61
CA VAL D 83 12.87 -9.18 15.82
C VAL D 83 11.88 -10.05 16.59
N PRO D 84 12.11 -11.37 16.58
CA PRO D 84 11.25 -12.35 17.27
C PRO D 84 11.19 -12.09 18.75
N PRO D 85 10.01 -12.28 19.37
CA PRO D 85 9.76 -12.07 20.79
C PRO D 85 10.13 -13.22 21.71
N GLU D 86 10.37 -12.89 22.98
CA GLU D 86 10.65 -13.91 23.97
C GLU D 86 9.32 -14.04 24.71
N VAL D 87 8.89 -15.27 24.93
CA VAL D 87 7.63 -15.48 25.62
C VAL D 87 7.86 -16.14 26.97
N THR D 88 6.99 -15.81 27.92
CA THR D 88 7.06 -16.36 29.27
C THR D 88 5.64 -16.48 29.84
N VAL D 89 5.33 -17.61 30.44
CA VAL D 89 4.02 -17.83 31.04
C VAL D 89 4.17 -18.02 32.54
N LEU D 90 3.31 -17.36 33.32
CA LEU D 90 3.36 -17.49 34.76
C LEU D 90 2.03 -17.05 35.36
N THR D 91 1.83 -17.35 36.64
CA THR D 91 0.60 -16.97 37.32
C THR D 91 0.82 -15.70 38.11
N ASN D 92 -0.28 -15.03 38.44
CA ASN D 92 -0.23 -13.80 39.20
C ASN D 92 0.22 -14.08 40.64
N SER D 93 0.21 -15.36 41.02
CA SER D 93 0.61 -15.80 42.35
C SER D 93 0.59 -17.33 42.44
N PRO D 94 1.17 -17.90 43.51
CA PRO D 94 1.18 -19.36 43.68
C PRO D 94 -0.21 -19.99 43.54
N VAL D 95 -0.31 -21.02 42.71
CA VAL D 95 -1.58 -21.69 42.46
C VAL D 95 -2.04 -22.60 43.60
N GLU D 96 -3.36 -22.69 43.75
CA GLU D 96 -3.99 -23.51 44.77
C GLU D 96 -5.35 -23.96 44.24
N LEU D 97 -5.65 -25.25 44.37
CA LEU D 97 -6.91 -25.80 43.89
C LEU D 97 -8.11 -24.98 44.35
N ARG D 98 -9.10 -24.83 43.46
CA ARG D 98 -10.32 -24.08 43.75
C ARG D 98 -10.09 -22.58 43.86
N GLU D 99 -8.90 -22.20 44.32
CA GLU D 99 -8.55 -20.78 44.50
C GLU D 99 -8.38 -20.05 43.18
N PRO D 100 -9.21 -19.02 42.93
CA PRO D 100 -9.13 -18.24 41.69
C PRO D 100 -7.73 -17.70 41.46
N ASN D 101 -7.31 -17.67 40.20
CA ASN D 101 -5.97 -17.20 39.83
C ASN D 101 -5.95 -16.65 38.40
N VAL D 102 -4.79 -16.17 37.96
CA VAL D 102 -4.66 -15.62 36.61
C VAL D 102 -3.36 -16.05 35.91
N LEU D 103 -3.48 -16.41 34.63
CA LEU D 103 -2.31 -16.80 33.85
C LEU D 103 -1.86 -15.57 33.09
N ILE D 104 -0.54 -15.42 32.96
CA ILE D 104 0.03 -14.26 32.28
C ILE D 104 1.02 -14.67 31.22
N CYS D 105 0.83 -14.19 30.00
CA CYS D 105 1.75 -14.49 28.92
C CYS D 105 2.47 -13.18 28.61
N PHE D 106 3.77 -13.14 28.88
CA PHE D 106 4.59 -11.95 28.65
C PHE D 106 5.37 -12.05 27.33
N ILE D 107 5.08 -11.14 26.41
CA ILE D 107 5.76 -11.10 25.12
C ILE D 107 6.73 -9.92 25.18
N ASP D 108 8.02 -10.19 25.01
CA ASP D 108 9.01 -9.13 25.13
C ASP D 108 10.05 -9.14 24.02
N LYS D 109 10.74 -8.01 23.87
CA LYS D 109 11.79 -7.84 22.88
C LYS D 109 11.38 -8.25 21.46
N PHE D 110 10.45 -7.52 20.85
CA PHE D 110 10.03 -7.85 19.50
C PHE D 110 9.51 -6.64 18.73
N THR D 111 9.58 -6.75 17.41
CA THR D 111 9.13 -5.71 16.51
C THR D 111 9.10 -6.31 15.09
N PRO D 112 8.21 -5.81 14.22
CA PRO D 112 7.25 -4.73 14.48
C PRO D 112 6.17 -5.12 15.49
N PRO D 113 5.40 -4.14 15.96
CA PRO D 113 4.33 -4.39 16.93
C PRO D 113 3.09 -5.04 16.34
N VAL D 114 3.20 -6.34 16.04
CA VAL D 114 2.08 -7.12 15.51
C VAL D 114 2.31 -8.56 15.95
N VAL D 115 1.32 -9.14 16.63
CA VAL D 115 1.41 -10.52 17.09
C VAL D 115 0.04 -11.17 17.20
N ASN D 116 0.03 -12.49 17.16
CA ASN D 116 -1.19 -13.28 17.30
C ASN D 116 -1.04 -14.10 18.58
N VAL D 117 -1.99 -13.97 19.49
CA VAL D 117 -1.95 -14.72 20.74
C VAL D 117 -3.28 -15.43 21.05
N THR D 118 -3.18 -16.68 21.47
CA THR D 118 -4.34 -17.49 21.81
C THR D 118 -4.05 -18.43 22.99
N TRP D 119 -5.01 -18.53 23.91
CA TRP D 119 -4.87 -19.41 25.08
C TRP D 119 -5.49 -20.76 24.78
N LEU D 120 -4.67 -21.80 24.82
CA LEU D 120 -5.12 -23.17 24.56
C LEU D 120 -5.28 -23.98 25.85
N ARG D 121 -6.53 -24.30 26.18
CA ARG D 121 -6.89 -25.07 27.37
C ARG D 121 -7.07 -26.54 26.97
N ASN D 122 -6.06 -27.36 27.25
CA ASN D 122 -6.07 -28.78 26.91
C ASN D 122 -6.17 -28.93 25.39
N GLY D 123 -5.87 -27.84 24.68
CA GLY D 123 -5.94 -27.86 23.23
C GLY D 123 -7.00 -26.91 22.71
N LYS D 124 -8.20 -27.01 23.26
CA LYS D 124 -9.31 -26.14 22.83
C LYS D 124 -9.07 -24.66 23.16
N PRO D 125 -8.97 -23.82 22.12
CA PRO D 125 -8.74 -22.39 22.27
C PRO D 125 -9.67 -21.76 23.31
N VAL D 126 -9.23 -20.68 23.94
CA VAL D 126 -10.04 -20.00 24.93
C VAL D 126 -10.10 -18.49 24.64
N THR D 127 -11.32 -17.97 24.55
CA THR D 127 -11.50 -16.54 24.28
C THR D 127 -12.53 -16.02 25.26
N THR D 128 -12.66 -16.70 26.38
CA THR D 128 -13.62 -16.33 27.40
C THR D 128 -12.94 -15.82 28.67
N GLY D 129 -13.07 -14.52 28.91
CA GLY D 129 -12.48 -13.92 30.09
C GLY D 129 -11.11 -13.30 29.87
N VAL D 130 -10.44 -13.69 28.80
CA VAL D 130 -9.11 -13.17 28.51
C VAL D 130 -9.09 -11.65 28.37
N SER D 131 -7.90 -11.08 28.58
CA SER D 131 -7.68 -9.63 28.48
C SER D 131 -6.26 -9.43 28.00
N GLU D 132 -5.94 -8.21 27.56
CA GLU D 132 -4.60 -7.91 27.08
C GLU D 132 -4.30 -6.42 27.12
N THR D 133 -3.01 -6.11 27.06
CA THR D 133 -2.56 -4.72 27.07
C THR D 133 -2.12 -4.34 25.66
N VAL D 134 -1.97 -3.05 25.42
CA VAL D 134 -1.51 -2.57 24.12
C VAL D 134 -0.01 -2.82 24.08
N PHE D 135 0.66 -2.36 23.03
CA PHE D 135 2.10 -2.54 22.96
C PHE D 135 2.80 -1.49 23.83
N LEU D 136 3.68 -1.96 24.71
CA LEU D 136 4.41 -1.10 25.63
C LEU D 136 5.85 -0.89 25.14
N PRO D 137 6.45 0.28 25.43
CA PRO D 137 7.82 0.62 25.03
C PRO D 137 8.89 0.00 25.91
N ARG D 138 10.14 0.06 25.45
CA ARG D 138 11.30 -0.46 26.16
C ARG D 138 12.46 0.51 25.87
N GLU D 139 13.52 0.43 26.66
CA GLU D 139 14.69 1.30 26.46
C GLU D 139 15.37 1.02 25.12
N ASP D 140 15.38 -0.24 24.69
CA ASP D 140 16.00 -0.60 23.43
C ASP D 140 15.09 -0.31 22.24
N HIS D 141 13.93 0.27 22.53
CA HIS D 141 12.96 0.66 21.50
C HIS D 141 12.17 -0.48 20.86
N LEU D 142 12.18 -1.63 21.52
CA LEU D 142 11.44 -2.79 21.06
C LEU D 142 10.13 -2.70 21.83
N PHE D 143 9.31 -3.74 21.77
CA PHE D 143 8.02 -3.70 22.45
C PHE D 143 7.77 -4.82 23.46
N ARG D 144 6.72 -4.61 24.27
CA ARG D 144 6.29 -5.57 25.29
C ARG D 144 4.79 -5.69 25.19
N LYS D 145 4.25 -6.79 25.68
CA LYS D 145 2.81 -7.01 25.64
C LYS D 145 2.39 -8.09 26.63
N PHE D 146 1.30 -7.84 27.34
CA PHE D 146 0.80 -8.80 28.33
C PHE D 146 -0.58 -9.34 27.96
N HIS D 147 -0.76 -10.64 28.10
CA HIS D 147 -2.04 -11.30 27.83
C HIS D 147 -2.41 -12.06 29.10
N TYR D 148 -3.62 -11.83 29.60
CA TYR D 148 -4.09 -12.47 30.81
C TYR D 148 -5.29 -13.40 30.59
N LEU D 149 -5.32 -14.47 31.39
CA LEU D 149 -6.38 -15.46 31.34
C LEU D 149 -6.72 -15.94 32.74
N PRO D 150 -7.79 -15.39 33.34
CA PRO D 150 -8.18 -15.79 34.69
C PRO D 150 -8.73 -17.23 34.65
N PHE D 151 -8.10 -18.12 35.42
CA PHE D 151 -8.50 -19.52 35.43
C PHE D 151 -8.68 -20.10 36.84
N LEU D 152 -9.18 -21.33 36.89
CA LEU D 152 -9.39 -22.04 38.13
C LEU D 152 -8.38 -23.18 38.16
N PRO D 153 -7.35 -23.06 39.01
CA PRO D 153 -6.31 -24.08 39.15
C PRO D 153 -6.84 -25.50 39.32
N SER D 154 -6.19 -26.45 38.66
CA SER D 154 -6.59 -27.85 38.72
C SER D 154 -5.56 -28.74 38.05
N THR D 155 -5.55 -30.02 38.45
CA THR D 155 -4.61 -30.99 37.88
C THR D 155 -5.20 -31.58 36.60
N GLU D 156 -6.40 -31.15 36.26
CA GLU D 156 -7.11 -31.62 35.08
C GLU D 156 -6.75 -30.78 33.84
N ASP D 157 -7.02 -29.48 33.95
CA ASP D 157 -6.77 -28.55 32.86
C ASP D 157 -5.31 -28.18 32.63
N VAL D 158 -4.94 -28.09 31.35
CA VAL D 158 -3.59 -27.74 30.94
C VAL D 158 -3.71 -26.49 30.06
N TYR D 159 -2.69 -25.63 30.07
CA TYR D 159 -2.75 -24.43 29.26
C TYR D 159 -1.50 -24.16 28.44
N ASP D 160 -1.67 -23.38 27.36
CA ASP D 160 -0.57 -23.03 26.47
C ASP D 160 -0.78 -21.65 25.87
N CYS D 161 0.30 -20.89 25.72
CA CYS D 161 0.20 -19.56 25.12
C CYS D 161 0.86 -19.64 23.74
N ARG D 162 0.05 -19.49 22.69
CA ARG D 162 0.54 -19.55 21.32
C ARG D 162 0.74 -18.14 20.79
N VAL D 163 1.95 -17.86 20.36
CA VAL D 163 2.30 -16.54 19.85
C VAL D 163 2.90 -16.59 18.45
N GLU D 164 2.27 -15.88 17.52
CA GLU D 164 2.75 -15.83 16.15
C GLU D 164 3.43 -14.49 15.89
N HIS D 165 4.58 -14.54 15.25
CA HIS D 165 5.30 -13.33 14.93
C HIS D 165 6.16 -13.57 13.70
N TRP D 166 6.13 -12.63 12.75
CA TRP D 166 6.89 -12.76 11.52
C TRP D 166 8.37 -13.03 11.75
N GLY D 167 8.84 -12.73 12.96
CA GLY D 167 10.25 -12.97 13.27
C GLY D 167 10.52 -14.43 13.54
N LEU D 168 9.44 -15.19 13.73
CA LEU D 168 9.52 -16.62 14.01
C LEU D 168 9.27 -17.46 12.76
N ASP D 169 9.79 -18.68 12.75
CA ASP D 169 9.63 -19.58 11.63
C ASP D 169 8.51 -20.56 11.95
N GLU D 170 7.98 -20.47 13.17
CA GLU D 170 6.92 -21.36 13.60
C GLU D 170 6.28 -20.86 14.90
N PRO D 171 4.95 -20.95 14.99
CA PRO D 171 4.20 -20.51 16.18
C PRO D 171 4.82 -21.03 17.47
N LEU D 172 5.18 -20.10 18.36
CA LEU D 172 5.79 -20.44 19.63
C LEU D 172 4.75 -20.71 20.71
N LEU D 173 4.89 -21.84 21.41
CA LEU D 173 3.97 -22.20 22.48
C LEU D 173 4.70 -22.48 23.78
N LYS D 174 4.27 -21.80 24.84
CA LYS D 174 4.87 -21.99 26.16
C LYS D 174 3.85 -22.74 26.98
N HIS D 175 4.29 -23.84 27.58
CA HIS D 175 3.41 -24.71 28.35
C HIS D 175 3.36 -24.40 29.84
N TRP D 176 2.22 -24.73 30.46
CA TRP D 176 2.02 -24.52 31.88
C TRP D 176 1.02 -25.54 32.41
N GLU D 177 1.23 -25.98 33.65
CA GLU D 177 0.34 -26.94 34.28
C GLU D 177 0.46 -26.89 35.80
N PHE D 178 -0.66 -27.10 36.49
CA PHE D 178 -0.72 -27.06 37.94
C PHE D 178 0.44 -27.81 38.60
N ASP D 179 1.17 -27.11 39.46
CA ASP D 179 2.31 -27.69 40.16
C ASP D 179 2.44 -27.13 41.58
N ALA D 180 2.03 -27.93 42.56
CA ALA D 180 2.10 -27.53 43.96
C ALA D 180 1.99 -28.77 44.86
N THR E 1 5.14 -12.56 3.86
CA THR E 1 4.61 -11.29 4.44
C THR E 1 5.31 -10.08 3.85
N ARG E 2 4.53 -9.06 3.54
CA ARG E 2 5.06 -7.83 2.96
C ARG E 2 5.97 -7.07 3.93
N PRO E 3 6.84 -6.21 3.39
CA PRO E 3 7.77 -5.40 4.19
C PRO E 3 7.02 -4.40 5.09
N ARG E 4 7.47 -4.20 6.33
CA ARG E 4 6.81 -3.25 7.20
C ARG E 4 7.63 -1.98 7.38
N PHE E 5 6.95 -0.87 7.67
CA PHE E 5 7.56 0.44 7.87
C PHE E 5 6.96 1.09 9.12
N LEU E 6 7.80 1.24 10.16
CA LEU E 6 7.36 1.77 11.44
C LEU E 6 7.94 3.12 11.86
N GLU E 7 7.06 4.03 12.27
CA GLU E 7 7.50 5.34 12.71
C GLU E 7 7.22 5.40 14.23
N LEU E 8 8.18 5.86 15.01
CA LEU E 8 7.96 5.91 16.44
C LEU E 8 8.33 7.28 17.00
N LEU E 9 7.58 7.71 18.01
CA LEU E 9 7.86 8.99 18.64
C LEU E 9 7.79 8.76 20.14
N LYS E 10 8.76 9.32 20.86
CA LYS E 10 8.80 9.21 22.31
C LYS E 10 9.08 10.57 22.92
N SER E 11 8.20 11.00 23.81
CA SER E 11 8.34 12.27 24.49
C SER E 11 8.63 11.80 25.91
N GLU E 12 9.87 11.99 26.34
CA GLU E 12 10.31 11.52 27.64
C GLU E 12 10.58 12.61 28.67
N CYS E 13 10.09 12.40 29.88
CA CYS E 13 10.31 13.34 30.96
C CYS E 13 11.02 12.58 32.09
N HIS E 14 12.26 13.01 32.35
CA HIS E 14 13.12 12.43 33.38
C HIS E 14 13.14 13.32 34.62
N PHE E 15 12.63 12.77 35.71
CA PHE E 15 12.54 13.48 36.99
C PHE E 15 13.60 13.00 37.98
N PHE E 16 14.30 13.94 38.59
CA PHE E 16 15.32 13.63 39.60
C PHE E 16 14.96 14.41 40.84
N ASN E 17 14.79 13.70 41.95
CA ASN E 17 14.41 14.31 43.22
C ASN E 17 13.17 15.15 42.96
N GLY E 18 12.05 14.46 42.76
CA GLY E 18 10.79 15.14 42.48
C GLY E 18 10.93 15.95 41.22
N THR E 19 10.46 17.20 41.27
CA THR E 19 10.53 18.07 40.12
C THR E 19 11.70 19.06 40.20
N GLU E 20 12.59 18.84 41.17
CA GLU E 20 13.75 19.72 41.34
C GLU E 20 14.55 19.81 40.04
N ARG E 21 14.92 18.66 39.49
CA ARG E 21 15.68 18.61 38.25
C ARG E 21 14.89 17.76 37.25
N VAL E 22 14.52 18.38 36.14
CA VAL E 22 13.75 17.70 35.10
C VAL E 22 14.40 17.79 33.73
N ARG E 23 14.34 16.70 32.99
CA ARG E 23 14.91 16.66 31.66
C ARG E 23 13.85 16.20 30.66
N PHE E 24 13.65 17.00 29.60
CA PHE E 24 12.66 16.69 28.57
C PHE E 24 13.33 16.23 27.28
N LEU E 25 12.87 15.12 26.73
CA LEU E 25 13.41 14.61 25.45
C LEU E 25 12.30 14.25 24.47
N GLU E 26 12.49 14.65 23.22
CA GLU E 26 11.51 14.38 22.16
C GLU E 26 12.29 13.61 21.09
N ARG E 27 12.04 12.31 20.99
CA ARG E 27 12.79 11.48 20.05
C ARG E 27 12.00 10.84 18.90
N TYR E 28 12.55 10.98 17.68
CA TYR E 28 11.92 10.43 16.47
C TYR E 28 12.69 9.23 15.93
N PHE E 29 11.98 8.12 15.74
CA PHE E 29 12.60 6.89 15.25
C PHE E 29 11.92 6.38 13.97
N HIS E 30 12.72 5.75 13.12
CA HIS E 30 12.22 5.16 11.87
C HIS E 30 12.78 3.75 11.80
N ASN E 31 11.90 2.76 11.83
CA ASN E 31 12.32 1.36 11.79
C ASN E 31 13.37 1.06 12.88
N GLN E 32 13.08 1.49 14.11
CA GLN E 32 13.98 1.30 15.25
C GLN E 32 15.30 2.03 15.14
N GLU E 33 15.31 3.19 14.50
CA GLU E 33 16.53 3.96 14.37
C GLU E 33 16.29 5.45 14.60
N GLU E 34 16.67 5.94 15.77
CA GLU E 34 16.49 7.35 16.11
C GLU E 34 17.31 8.17 15.12
N PHE E 35 16.73 9.23 14.58
CA PHE E 35 17.44 10.06 13.62
C PHE E 35 17.49 11.53 14.00
N VAL E 36 16.63 11.95 14.92
CA VAL E 36 16.64 13.34 15.38
C VAL E 36 15.94 13.45 16.73
N ARG E 37 16.26 14.49 17.48
CA ARG E 37 15.63 14.69 18.77
C ARG E 37 15.90 16.02 19.40
N PHE E 38 15.07 16.37 20.37
CA PHE E 38 15.20 17.61 21.12
C PHE E 38 15.56 17.21 22.54
N ASP E 39 16.56 17.87 23.11
CA ASP E 39 17.01 17.58 24.47
C ASP E 39 17.01 18.88 25.26
N SER E 40 16.15 18.99 26.27
CA SER E 40 16.09 20.22 27.06
C SER E 40 17.49 20.64 27.56
N ASP E 41 18.40 19.67 27.71
CA ASP E 41 19.74 20.01 28.17
C ASP E 41 20.50 20.80 27.13
N VAL E 42 20.14 20.60 25.86
CA VAL E 42 20.80 21.28 24.76
C VAL E 42 20.00 22.51 24.35
N GLY E 43 18.68 22.41 24.40
CA GLY E 43 17.83 23.53 24.05
C GLY E 43 17.50 23.65 22.56
N GLU E 44 17.87 22.65 21.76
CA GLU E 44 17.58 22.67 20.33
C GLU E 44 17.58 21.24 19.78
N TYR E 45 17.15 21.07 18.53
CA TYR E 45 17.13 19.75 17.92
C TYR E 45 18.53 19.38 17.43
N ARG E 46 18.84 18.09 17.39
CA ARG E 46 20.15 17.63 16.93
C ARG E 46 19.97 16.33 16.18
N ALA E 47 20.73 16.18 15.11
CA ALA E 47 20.65 14.96 14.32
C ALA E 47 21.28 13.82 15.07
N VAL E 48 20.66 12.66 14.99
CA VAL E 48 21.19 11.49 15.65
C VAL E 48 21.82 10.61 14.57
N THR E 49 21.39 10.82 13.32
CA THR E 49 21.92 10.09 12.18
C THR E 49 21.89 11.02 10.97
N GLU E 50 22.47 10.57 9.87
CA GLU E 50 22.53 11.36 8.64
C GLU E 50 21.18 11.91 8.20
N LEU E 51 20.16 11.06 8.26
CA LEU E 51 18.81 11.42 7.86
C LEU E 51 18.17 12.56 8.65
N GLY E 52 18.65 12.80 9.87
CA GLY E 52 18.08 13.86 10.67
C GLY E 52 18.75 15.22 10.53
N ARG E 53 19.85 15.26 9.78
CA ARG E 53 20.59 16.51 9.59
C ARG E 53 19.67 17.59 8.99
N PRO E 54 19.08 17.31 7.82
CA PRO E 54 18.19 18.29 7.17
C PRO E 54 17.06 18.72 8.09
N VAL E 55 16.49 17.74 8.80
CA VAL E 55 15.40 17.97 9.74
C VAL E 55 15.80 18.97 10.83
N ALA E 56 16.93 18.71 11.47
CA ALA E 56 17.41 19.59 12.53
C ALA E 56 17.57 21.01 12.00
N GLU E 57 18.32 21.17 10.91
CA GLU E 57 18.55 22.49 10.30
C GLU E 57 17.24 23.25 10.17
N SER E 58 16.26 22.58 9.58
CA SER E 58 14.93 23.16 9.34
C SER E 58 14.16 23.57 10.57
N TRP E 59 14.14 22.70 11.59
CA TRP E 59 13.40 23.00 12.80
C TRP E 59 14.06 24.04 13.69
N ASN E 60 15.37 23.94 13.85
CA ASN E 60 16.08 24.89 14.70
C ASN E 60 16.03 26.32 14.18
N SER E 61 15.68 26.49 12.91
CA SER E 61 15.60 27.82 12.32
C SER E 61 14.29 28.49 12.72
N GLN E 62 13.45 27.78 13.47
CA GLN E 62 12.16 28.28 13.92
C GLN E 62 12.22 28.67 15.40
N LYS E 63 12.35 29.96 15.66
CA LYS E 63 12.44 30.48 17.02
C LYS E 63 11.24 30.13 17.89
N ASP E 64 10.04 30.41 17.40
CA ASP E 64 8.85 30.13 18.19
C ASP E 64 8.73 28.66 18.53
N LEU E 65 9.34 27.80 17.70
CA LEU E 65 9.28 26.36 17.93
C LEU E 65 10.15 26.03 19.14
N LEU E 66 11.43 26.36 19.04
CA LEU E 66 12.39 26.11 20.13
C LEU E 66 11.90 26.75 21.42
N GLU E 67 11.33 27.94 21.28
CA GLU E 67 10.82 28.68 22.41
C GLU E 67 9.78 27.84 23.15
N GLN E 68 8.94 27.14 22.38
CA GLN E 68 7.92 26.30 22.97
C GLN E 68 8.51 25.00 23.52
N LYS E 69 9.47 24.42 22.80
CA LYS E 69 10.09 23.17 23.22
C LYS E 69 10.86 23.33 24.53
N ARG E 70 11.51 24.47 24.70
CA ARG E 70 12.27 24.77 25.90
C ARG E 70 11.37 24.95 27.13
N GLY E 71 10.09 25.22 26.89
CA GLY E 71 9.16 25.39 27.98
C GLY E 71 8.43 24.12 28.38
N GLN E 72 8.71 23.02 27.69
CA GLN E 72 8.05 21.75 27.98
C GLN E 72 8.40 21.16 29.34
N VAL E 73 9.61 21.43 29.83
CA VAL E 73 10.02 20.93 31.15
C VAL E 73 9.03 21.43 32.20
N ASP E 74 8.48 22.63 31.97
CA ASP E 74 7.51 23.21 32.89
C ASP E 74 6.06 23.00 32.45
N THR E 75 5.73 23.40 31.23
CA THR E 75 4.36 23.30 30.70
C THR E 75 3.91 21.87 30.36
N TYR E 76 4.84 20.92 30.33
CA TYR E 76 4.50 19.53 29.98
C TYR E 76 4.94 18.54 31.06
N CYS E 77 6.24 18.39 31.22
CA CYS E 77 6.80 17.47 32.21
C CYS E 77 6.36 17.76 33.65
N ARG E 78 6.74 18.92 34.19
CA ARG E 78 6.34 19.26 35.55
C ARG E 78 4.84 19.29 35.70
N HIS E 79 4.14 19.77 34.67
CA HIS E 79 2.67 19.79 34.74
C HIS E 79 2.07 18.40 34.92
N ASN E 80 2.49 17.44 34.09
CA ASN E 80 1.94 16.09 34.18
C ASN E 80 2.36 15.36 35.46
N TYR E 81 3.52 15.73 36.00
CA TYR E 81 4.00 15.12 37.22
C TYR E 81 2.99 15.41 38.33
N GLY E 82 2.65 16.68 38.52
CA GLY E 82 1.70 17.04 39.56
C GLY E 82 0.32 16.41 39.38
N VAL E 83 -0.03 16.12 38.14
CA VAL E 83 -1.32 15.52 37.83
C VAL E 83 -1.44 14.05 38.21
N VAL E 84 -0.41 13.27 37.89
CA VAL E 84 -0.44 11.84 38.18
C VAL E 84 0.33 11.42 39.43
N GLU E 85 1.06 12.36 40.02
CA GLU E 85 1.84 12.11 41.21
C GLU E 85 1.14 11.28 42.28
N SER E 86 -0.04 11.75 42.70
CA SER E 86 -0.84 11.09 43.73
C SER E 86 -1.05 9.58 43.55
N PHE E 87 -1.35 9.16 42.33
CA PHE E 87 -1.61 7.74 42.10
C PHE E 87 -0.51 6.98 41.37
N THR E 88 0.67 7.57 41.23
CA THR E 88 1.77 6.88 40.56
C THR E 88 3.01 6.91 41.45
N VAL E 89 3.55 8.10 41.68
CA VAL E 89 4.74 8.25 42.54
C VAL E 89 4.40 7.84 43.97
N GLN E 90 3.25 8.31 44.46
CA GLN E 90 2.80 8.01 45.83
C GLN E 90 2.19 6.61 45.96
N ARG E 91 2.11 5.86 44.87
CA ARG E 91 1.51 4.53 44.91
C ARG E 91 2.38 3.52 45.64
N ARG E 92 1.75 2.77 46.52
CA ARG E 92 2.41 1.74 47.28
C ARG E 92 1.43 0.66 47.66
N VAL E 93 1.80 -0.57 47.37
CA VAL E 93 0.95 -1.72 47.67
C VAL E 93 1.79 -2.78 48.36
N HIS E 94 1.40 -3.13 49.58
CA HIS E 94 2.10 -4.12 50.40
C HIS E 94 2.23 -5.47 49.69
N PRO E 95 3.41 -6.10 49.80
CA PRO E 95 3.71 -7.41 49.21
C PRO E 95 3.02 -8.56 49.93
N GLN E 96 2.62 -9.58 49.18
CA GLN E 96 2.01 -10.76 49.77
C GLN E 96 3.16 -11.76 49.78
N VAL E 97 3.48 -12.29 50.95
CA VAL E 97 4.59 -13.25 51.06
C VAL E 97 4.12 -14.63 51.47
N THR E 98 4.67 -15.65 50.82
CA THR E 98 4.34 -17.02 51.14
C THR E 98 5.56 -17.90 50.93
N VAL E 99 5.73 -18.88 51.80
CA VAL E 99 6.84 -19.81 51.72
C VAL E 99 6.31 -21.23 51.67
N TYR E 100 6.90 -22.04 50.79
CA TYR E 100 6.49 -23.42 50.63
C TYR E 100 7.60 -24.24 49.98
N PRO E 101 7.58 -25.56 50.20
CA PRO E 101 8.61 -26.45 49.63
C PRO E 101 8.36 -26.79 48.17
N ALA E 102 9.38 -27.35 47.51
CA ALA E 102 9.28 -27.73 46.11
C ALA E 102 10.39 -28.72 45.78
N LYS E 103 10.31 -29.33 44.60
CA LYS E 103 11.30 -30.33 44.19
C LYS E 103 12.22 -29.86 43.06
N THR E 104 13.07 -30.79 42.60
CA THR E 104 14.02 -30.53 41.53
C THR E 104 14.76 -29.20 41.71
N ASN E 111 14.33 -30.55 49.33
CA ASN E 111 15.27 -30.27 48.25
C ASN E 111 15.34 -28.77 47.90
N LEU E 112 14.22 -28.08 48.00
CA LEU E 112 14.18 -26.66 47.67
C LEU E 112 13.06 -25.94 48.42
N LEU E 113 13.34 -24.74 48.93
CA LEU E 113 12.33 -23.97 49.63
C LEU E 113 12.10 -22.69 48.82
N VAL E 114 10.86 -22.27 48.70
CA VAL E 114 10.54 -21.08 47.92
C VAL E 114 9.86 -19.98 48.69
N CYS E 115 10.30 -18.75 48.44
CA CYS E 115 9.71 -17.57 49.06
C CYS E 115 9.07 -16.77 47.94
N SER E 116 7.74 -16.80 47.85
CA SER E 116 7.04 -16.07 46.80
C SER E 116 6.59 -14.69 47.26
N VAL E 117 7.09 -13.65 46.61
CA VAL E 117 6.70 -12.28 46.95
C VAL E 117 5.98 -11.76 45.72
N SER E 118 4.76 -11.29 45.89
CA SER E 118 3.99 -10.80 44.74
C SER E 118 2.91 -9.79 45.08
N GLY E 119 2.37 -9.18 44.02
CA GLY E 119 1.32 -8.19 44.14
C GLY E 119 1.79 -6.87 44.70
N PHE E 120 3.10 -6.66 44.71
CA PHE E 120 3.68 -5.43 45.27
C PHE E 120 4.07 -4.34 44.28
N TYR E 121 4.31 -3.15 44.82
CA TYR E 121 4.71 -1.99 44.03
C TYR E 121 5.12 -0.85 44.96
N PRO E 122 6.18 -0.10 44.61
CA PRO E 122 7.07 -0.19 43.44
C PRO E 122 7.83 -1.50 43.28
N GLY E 123 8.59 -1.60 42.19
CA GLY E 123 9.37 -2.78 41.92
C GLY E 123 10.53 -3.00 42.88
N SER E 124 10.98 -1.94 43.53
CA SER E 124 12.09 -2.05 44.47
C SER E 124 11.81 -3.01 45.62
N ILE E 125 12.69 -3.97 45.84
CA ILE E 125 12.50 -4.92 46.92
C ILE E 125 13.79 -5.66 47.25
N GLU E 126 13.80 -6.32 48.39
CA GLU E 126 14.98 -7.07 48.83
C GLU E 126 14.53 -8.29 49.63
N VAL E 127 15.07 -9.46 49.26
CA VAL E 127 14.71 -10.72 49.92
C VAL E 127 15.94 -11.45 50.44
N ARG E 128 15.84 -11.94 51.68
CA ARG E 128 16.95 -12.68 52.29
C ARG E 128 16.49 -13.98 52.95
N TRP E 129 17.31 -15.00 52.83
CA TRP E 129 17.03 -16.31 53.43
C TRP E 129 17.83 -16.51 54.72
N PHE E 130 17.18 -17.09 55.72
CA PHE E 130 17.78 -17.35 57.02
C PHE E 130 17.55 -18.78 57.47
N ARG E 131 18.60 -19.44 57.97
CA ARG E 131 18.50 -20.80 58.47
C ARG E 131 18.91 -20.82 59.95
N ASN E 132 17.95 -21.08 60.82
CA ASN E 132 18.19 -21.09 62.26
C ASN E 132 18.75 -19.75 62.74
N GLY E 133 18.21 -18.66 62.17
CA GLY E 133 18.64 -17.33 62.55
C GLY E 133 19.92 -16.86 61.87
N GLN E 134 20.57 -17.77 61.15
CA GLN E 134 21.81 -17.45 60.45
C GLN E 134 21.50 -17.29 58.96
N GLU E 135 21.74 -16.10 58.42
CA GLU E 135 21.48 -15.85 56.99
C GLU E 135 22.22 -16.84 56.08
N GLU E 136 21.60 -17.17 54.95
CA GLU E 136 22.17 -18.09 53.98
C GLU E 136 22.41 -17.38 52.64
N LYS E 137 23.58 -17.61 52.03
CA LYS E 137 23.91 -17.00 50.76
C LYS E 137 24.53 -17.99 49.77
N THR E 138 24.37 -19.29 50.04
CA THR E 138 24.93 -20.32 49.16
C THR E 138 23.93 -20.84 48.11
N GLY E 139 22.97 -21.64 48.55
CA GLY E 139 21.99 -22.19 47.62
C GLY E 139 20.79 -21.29 47.40
N VAL E 140 21.05 -20.02 47.10
CA VAL E 140 20.00 -19.05 46.86
C VAL E 140 19.98 -18.53 45.43
N VAL E 141 18.90 -18.85 44.72
CA VAL E 141 18.71 -18.41 43.34
C VAL E 141 17.42 -17.60 43.26
N SER E 142 17.41 -16.57 42.42
CA SER E 142 16.23 -15.73 42.27
C SER E 142 15.84 -15.51 40.81
N THR E 143 14.54 -15.39 40.59
CA THR E 143 14.01 -15.15 39.25
C THR E 143 14.25 -13.70 38.90
N GLY E 144 14.48 -12.89 39.92
CA GLY E 144 14.69 -11.47 39.71
C GLY E 144 13.35 -10.77 39.77
N LEU E 145 13.34 -9.47 39.52
CA LEU E 145 12.10 -8.69 39.55
C LEU E 145 11.27 -8.96 38.30
N ILE E 146 10.04 -9.41 38.51
CA ILE E 146 9.14 -9.72 37.41
C ILE E 146 7.95 -8.75 37.40
N HIS E 147 7.73 -8.12 36.25
CA HIS E 147 6.63 -7.18 36.09
C HIS E 147 5.40 -7.96 35.62
N ASN E 148 4.23 -7.65 36.17
CA ASN E 148 3.00 -8.32 35.78
C ASN E 148 2.16 -7.49 34.82
N GLY E 149 2.69 -6.33 34.41
CA GLY E 149 2.00 -5.46 33.47
C GLY E 149 0.76 -4.72 33.96
N ASP E 150 0.42 -4.88 35.24
CA ASP E 150 -0.76 -4.23 35.80
C ASP E 150 -0.47 -3.47 37.09
N TRP E 151 0.65 -2.75 37.11
CA TRP E 151 1.05 -1.98 38.28
C TRP E 151 1.31 -2.80 39.54
N THR E 152 1.89 -3.98 39.38
CA THR E 152 2.25 -4.84 40.50
C THR E 152 3.40 -5.70 40.01
N PHE E 153 4.25 -6.16 40.92
CA PHE E 153 5.38 -7.00 40.55
C PHE E 153 5.36 -8.25 41.40
N GLN E 154 6.34 -9.11 41.17
CA GLN E 154 6.49 -10.33 41.93
C GLN E 154 7.93 -10.79 41.79
N THR E 155 8.30 -11.80 42.58
CA THR E 155 9.64 -12.36 42.54
C THR E 155 9.67 -13.65 43.35
N LEU E 156 10.52 -14.58 42.95
CA LEU E 156 10.66 -15.85 43.65
C LEU E 156 12.10 -16.11 44.00
N VAL E 157 12.36 -16.35 45.28
CA VAL E 157 13.71 -16.63 45.75
C VAL E 157 13.66 -18.02 46.36
N MET E 158 14.49 -18.92 45.84
CA MET E 158 14.52 -20.31 46.29
C MET E 158 15.79 -20.66 47.01
N LEU E 159 15.68 -21.55 47.99
CA LEU E 159 16.84 -21.98 48.75
C LEU E 159 17.08 -23.46 48.53
N GLU E 160 18.30 -23.82 48.12
CA GLU E 160 18.64 -25.20 47.86
C GLU E 160 19.11 -25.87 49.14
N THR E 161 18.18 -26.40 49.92
CA THR E 161 18.51 -27.07 51.17
C THR E 161 17.50 -28.16 51.47
N VAL E 162 17.95 -29.20 52.18
CA VAL E 162 17.08 -30.30 52.56
C VAL E 162 16.58 -30.10 53.97
N PRO E 163 15.35 -29.58 54.13
CA PRO E 163 14.72 -29.32 55.42
C PRO E 163 14.66 -30.53 56.35
N ARG E 164 15.51 -30.54 57.37
CA ARG E 164 15.51 -31.62 58.34
C ARG E 164 14.73 -31.20 59.58
N SER E 165 13.99 -32.13 60.18
CA SER E 165 13.19 -31.84 61.36
C SER E 165 13.96 -30.98 62.36
N GLY E 166 13.27 -30.00 62.93
CA GLY E 166 13.90 -29.11 63.90
C GLY E 166 14.46 -27.84 63.29
N GLU E 167 14.75 -27.87 61.99
CA GLU E 167 15.28 -26.70 61.30
C GLU E 167 14.26 -25.58 61.12
N VAL E 168 14.71 -24.35 61.27
CA VAL E 168 13.86 -23.18 61.12
C VAL E 168 14.39 -22.30 60.00
N TYR E 169 13.56 -22.04 59.00
CA TYR E 169 13.94 -21.20 57.87
C TYR E 169 13.13 -19.93 57.90
N THR E 170 13.75 -18.83 57.51
CA THR E 170 13.05 -17.57 57.49
C THR E 170 13.37 -16.79 56.22
N CYS E 171 12.34 -16.16 55.67
CA CYS E 171 12.45 -15.34 54.49
C CYS E 171 12.17 -13.90 54.89
N GLN E 172 13.14 -13.02 54.66
CA GLN E 172 12.99 -11.60 55.02
C GLN E 172 12.82 -10.73 53.79
N VAL E 173 11.76 -9.94 53.79
CA VAL E 173 11.44 -9.05 52.68
C VAL E 173 11.41 -7.57 53.06
N GLU E 174 12.22 -6.77 52.37
CA GLU E 174 12.27 -5.33 52.61
C GLU E 174 11.65 -4.62 51.39
N HIS E 175 10.64 -3.79 51.65
CA HIS E 175 9.96 -3.07 50.58
C HIS E 175 9.49 -1.68 51.05
N PRO E 176 9.53 -0.67 50.16
CA PRO E 176 9.12 0.71 50.46
C PRO E 176 7.76 0.88 51.13
N SER E 177 6.81 0.01 50.81
CA SER E 177 5.48 0.11 51.39
C SER E 177 5.46 -0.17 52.89
N VAL E 178 6.58 -0.66 53.42
CA VAL E 178 6.67 -0.96 54.85
C VAL E 178 7.95 -0.42 55.48
N THR E 179 7.84 -0.01 56.75
CA THR E 179 8.98 0.53 57.48
C THR E 179 9.88 -0.56 58.05
N SER E 180 9.28 -1.65 58.49
CA SER E 180 10.02 -2.78 59.04
C SER E 180 10.00 -3.93 58.03
N PRO E 181 11.05 -4.77 58.04
CA PRO E 181 11.11 -5.90 57.10
C PRO E 181 10.08 -6.98 57.42
N LEU E 182 9.36 -7.44 56.39
CA LEU E 182 8.36 -8.48 56.56
C LEU E 182 9.08 -9.81 56.74
N THR E 183 8.48 -10.73 57.49
CA THR E 183 9.12 -12.02 57.72
C THR E 183 8.12 -13.17 57.79
N VAL E 184 8.47 -14.28 57.16
CA VAL E 184 7.63 -15.47 57.19
C VAL E 184 8.53 -16.63 57.59
N GLU E 185 8.13 -17.33 58.65
CA GLU E 185 8.92 -18.46 59.14
C GLU E 185 8.38 -19.78 58.60
N TRP E 186 9.26 -20.75 58.44
CA TRP E 186 8.87 -22.06 57.95
C TRP E 186 9.56 -23.15 58.78
N ARG E 187 8.79 -23.96 59.50
CA ARG E 187 9.37 -25.01 60.31
C ARG E 187 9.15 -26.38 59.69
N ALA E 188 10.24 -27.10 59.49
CA ALA E 188 10.18 -28.43 58.91
C ALA E 188 9.84 -29.46 59.98
N GLN F 1 -5.15 16.95 37.46
CA GLN F 1 -6.31 17.34 36.63
C GLN F 1 -6.25 16.87 35.17
N HIS F 2 -5.62 17.66 34.31
CA HIS F 2 -5.54 17.32 32.89
C HIS F 2 -4.13 17.01 32.43
N ILE F 3 -3.91 15.78 31.97
CA ILE F 3 -2.61 15.37 31.47
C ILE F 3 -2.42 15.99 30.08
N ARG F 4 -1.35 16.74 29.87
CA ARG F 4 -1.14 17.35 28.56
C ARG F 4 -0.30 16.45 27.67
N CYS F 5 -0.37 16.65 26.35
CA CYS F 5 0.46 15.84 25.48
C CYS F 5 1.41 16.71 24.69
N ASN F 6 2.54 16.12 24.31
CA ASN F 6 3.56 16.81 23.54
C ASN F 6 3.20 16.60 22.07
N ILE F 7 3.17 17.70 21.32
CA ILE F 7 2.83 17.66 19.90
C ILE F 7 4.07 17.58 19.01
N PRO F 8 4.23 16.47 18.27
CA PRO F 8 5.38 16.31 17.39
C PRO F 8 5.36 17.33 16.24
N LYS F 9 6.50 17.48 15.58
CA LYS F 9 6.63 18.42 14.47
C LYS F 9 6.75 17.64 13.15
N ARG F 10 6.15 18.18 12.09
CA ARG F 10 6.21 17.54 10.77
C ARG F 10 7.57 17.80 10.14
N ILE F 11 8.18 16.74 9.62
CA ILE F 11 9.49 16.82 8.99
C ILE F 11 9.45 17.60 7.69
N GLY F 12 8.36 17.45 6.94
CA GLY F 12 8.24 18.15 5.69
C GLY F 12 6.80 18.52 5.41
N PRO F 13 6.53 19.30 4.36
CA PRO F 13 5.18 19.74 4.00
C PRO F 13 4.41 18.73 3.14
N SER F 14 5.11 17.77 2.55
CA SER F 14 4.47 16.76 1.71
C SER F 14 3.33 16.03 2.44
N LYS F 15 2.19 15.90 1.77
CA LYS F 15 1.07 15.22 2.37
C LYS F 15 0.63 14.06 1.47
N VAL F 16 1.60 13.45 0.80
CA VAL F 16 1.34 12.33 -0.10
C VAL F 16 1.49 10.99 0.64
N ALA F 17 0.51 10.10 0.54
CA ALA F 17 0.62 8.79 1.18
C ALA F 17 0.75 7.79 0.05
N THR F 18 1.77 6.95 0.10
CA THR F 18 2.00 5.99 -0.95
C THR F 18 1.91 4.55 -0.47
N LEU F 19 1.37 3.70 -1.34
CA LEU F 19 1.24 2.30 -1.00
C LEU F 19 2.65 1.74 -1.01
N VAL F 20 3.02 1.17 0.12
CA VAL F 20 4.33 0.59 0.32
C VAL F 20 4.50 -0.66 -0.56
N PRO F 21 5.71 -0.87 -1.10
CA PRO F 21 6.02 -2.01 -1.96
C PRO F 21 5.77 -3.37 -1.31
N ARG F 22 5.42 -4.36 -2.13
CA ARG F 22 5.17 -5.71 -1.62
C ARG F 22 6.36 -6.63 -1.91
#